data_8RHS
#
_entry.id   8RHS
#
_entity_poly.entity_id   1
_entity_poly.type   'polypeptide(L)'
_entity_poly.pdbx_seq_one_letter_code
;GAMAHSKYKTYMCRDMKQRGGCPRGASCTFAHSQEELEKFRKMNKRLV
;
_entity_poly.pdbx_strand_id   A
#
# COMPACT_ATOMS: atom_id res chain seq x y z
N GLY A 1 3.57 8.28 -15.79
CA GLY A 1 4.93 7.83 -15.56
C GLY A 1 5.21 7.55 -14.11
N ALA A 2 4.81 6.38 -13.64
CA ALA A 2 5.01 5.98 -12.25
C ALA A 2 6.50 5.88 -11.93
N MET A 3 6.83 5.90 -10.64
CA MET A 3 8.22 5.81 -10.20
C MET A 3 8.81 4.44 -10.56
N ALA A 4 8.04 3.39 -10.32
CA ALA A 4 8.49 2.04 -10.61
C ALA A 4 7.44 1.27 -11.42
N HIS A 5 7.88 0.24 -12.13
CA HIS A 5 6.98 -0.58 -12.94
C HIS A 5 6.09 -1.44 -12.05
N SER A 6 6.58 -1.75 -10.86
CA SER A 6 5.83 -2.59 -9.92
C SER A 6 5.11 -1.71 -8.88
N LYS A 7 3.92 -2.14 -8.49
CA LYS A 7 3.13 -1.42 -7.51
C LYS A 7 2.70 -2.32 -6.36
N TYR A 8 3.68 -2.91 -5.67
CA TYR A 8 3.40 -3.79 -4.55
C TYR A 8 3.01 -3.01 -3.31
N LYS A 9 3.87 -2.08 -2.92
CA LYS A 9 3.62 -1.24 -1.74
C LYS A 9 2.54 -0.22 -2.02
N THR A 10 2.24 -0.01 -3.30
CA THR A 10 1.22 0.95 -3.71
C THR A 10 -0.13 0.27 -3.94
N TYR A 11 -0.34 -0.85 -3.25
CA TYR A 11 -1.58 -1.60 -3.38
C TYR A 11 -2.71 -0.92 -2.62
N MET A 12 -3.94 -1.17 -3.04
CA MET A 12 -5.11 -0.58 -2.41
C MET A 12 -6.20 -1.64 -2.20
N CYS A 13 -6.83 -1.60 -1.03
CA CYS A 13 -7.89 -2.54 -0.70
C CYS A 13 -9.27 -1.88 -0.80
N ARG A 14 -9.76 -1.75 -2.01
CA ARG A 14 -11.07 -1.13 -2.24
C ARG A 14 -12.17 -1.92 -1.54
N ASP A 15 -11.91 -3.20 -1.30
CA ASP A 15 -12.88 -4.06 -0.64
C ASP A 15 -13.32 -3.47 0.70
N MET A 16 -12.44 -2.67 1.30
CA MET A 16 -12.73 -2.03 2.58
C MET A 16 -14.01 -1.22 2.51
N LYS A 17 -14.35 -0.76 1.31
CA LYS A 17 -15.55 0.03 1.10
C LYS A 17 -16.80 -0.76 1.52
N GLN A 18 -16.86 -2.02 1.11
CA GLN A 18 -18.00 -2.87 1.45
C GLN A 18 -17.55 -4.07 2.28
N ARG A 19 -16.83 -4.99 1.65
CA ARG A 19 -16.34 -6.19 2.34
C ARG A 19 -15.36 -5.81 3.44
N GLY A 20 -14.85 -6.83 4.13
CA GLY A 20 -13.90 -6.58 5.21
C GLY A 20 -13.32 -7.87 5.76
N GLY A 21 -12.40 -7.73 6.72
CA GLY A 21 -11.78 -8.89 7.31
C GLY A 21 -10.71 -9.51 6.42
N CYS A 22 -9.64 -8.77 6.19
CA CYS A 22 -8.55 -9.25 5.34
C CYS A 22 -7.21 -8.77 5.87
N PRO A 23 -6.15 -9.54 5.57
CA PRO A 23 -4.78 -9.21 6.01
C PRO A 23 -4.22 -7.98 5.30
N ARG A 24 -3.81 -7.00 6.08
CA ARG A 24 -3.25 -5.76 5.53
C ARG A 24 -1.84 -6.00 5.00
N GLY A 25 -1.02 -6.65 5.81
CA GLY A 25 0.35 -6.93 5.42
C GLY A 25 0.43 -7.88 4.24
N ALA A 26 -0.59 -8.72 4.10
CA ALA A 26 -0.64 -9.69 3.01
C ALA A 26 -0.33 -9.03 1.67
N SER A 27 -1.33 -8.34 1.12
CA SER A 27 -1.17 -7.66 -0.16
C SER A 27 -1.40 -6.16 -0.02
N CYS A 28 -2.33 -5.79 0.86
CA CYS A 28 -2.66 -4.40 1.10
C CYS A 28 -1.41 -3.61 1.51
N THR A 29 -0.39 -4.33 1.95
CA THR A 29 0.87 -3.71 2.37
C THR A 29 0.60 -2.56 3.34
N PHE A 30 -0.19 -2.84 4.38
CA PHE A 30 -0.52 -1.83 5.38
C PHE A 30 -1.05 -0.56 4.72
N ALA A 31 -1.73 -0.73 3.59
CA ALA A 31 -2.31 0.40 2.87
C ALA A 31 -3.72 0.10 2.39
N HIS A 32 -4.69 0.31 3.28
CA HIS A 32 -6.09 0.07 2.96
C HIS A 32 -6.75 1.33 2.39
N SER A 33 -6.17 2.48 2.70
CA SER A 33 -6.70 3.75 2.22
C SER A 33 -5.62 4.55 1.51
N GLN A 34 -6.05 5.47 0.64
CA GLN A 34 -5.12 6.30 -0.11
C GLN A 34 -4.14 7.01 0.83
N GLU A 35 -4.64 7.42 1.99
CA GLU A 35 -3.81 8.11 2.98
C GLU A 35 -2.60 7.26 3.36
N GLU A 36 -2.84 5.96 3.55
CA GLU A 36 -1.77 5.04 3.92
C GLU A 36 -0.82 4.81 2.75
N LEU A 37 -1.35 4.89 1.54
CA LEU A 37 -0.54 4.70 0.33
C LEU A 37 0.67 5.62 0.34
N GLU A 38 0.53 6.78 0.98
CA GLU A 38 1.62 7.76 1.06
C GLU A 38 2.88 7.12 1.61
N LYS A 39 2.70 6.06 2.41
CA LYS A 39 3.84 5.37 3.00
C LYS A 39 4.77 4.83 1.93
N PHE A 40 4.26 4.72 0.70
CA PHE A 40 5.05 4.21 -0.41
C PHE A 40 6.37 4.98 -0.54
N ARG A 41 6.35 6.24 -0.10
CA ARG A 41 7.54 7.08 -0.16
C ARG A 41 8.71 6.44 0.59
N LYS A 42 8.38 5.63 1.60
CA LYS A 42 9.39 4.95 2.39
C LYS A 42 10.33 4.14 1.51
N MET A 43 9.80 3.63 0.40
CA MET A 43 10.59 2.84 -0.52
C MET A 43 11.67 3.69 -1.20
N ASN A 44 11.26 4.82 -1.76
CA ASN A 44 12.20 5.72 -2.42
C ASN A 44 13.07 6.45 -1.40
N LYS A 45 12.43 7.24 -0.55
CA LYS A 45 13.15 7.99 0.48
C LYS A 45 13.42 7.12 1.70
N ARG A 46 14.45 6.30 1.62
CA ARG A 46 14.81 5.41 2.73
C ARG A 46 16.15 5.82 3.34
N LEU A 47 16.27 5.67 4.66
CA LEU A 47 17.49 6.02 5.36
C LEU A 47 17.98 4.86 6.22
N VAL A 48 18.57 3.86 5.56
CA VAL A 48 19.09 2.69 6.26
C VAL A 48 19.87 1.79 5.32
N GLY A 1 21.73 2.83 -13.49
CA GLY A 1 20.51 2.97 -12.73
C GLY A 1 20.28 1.80 -11.79
N ALA A 2 20.11 2.10 -10.50
CA ALA A 2 19.88 1.06 -9.50
C ALA A 2 18.58 1.32 -8.72
N MET A 3 17.63 1.96 -9.38
CA MET A 3 16.35 2.27 -8.77
C MET A 3 15.39 1.08 -8.86
N ALA A 4 14.40 1.05 -7.99
CA ALA A 4 13.41 -0.02 -7.99
C ALA A 4 12.04 0.49 -7.55
N HIS A 5 11.08 0.47 -8.47
CA HIS A 5 9.73 0.93 -8.17
C HIS A 5 8.73 -0.22 -8.28
N SER A 6 8.20 -0.64 -7.13
CA SER A 6 7.24 -1.74 -7.08
C SER A 6 5.82 -1.21 -7.09
N LYS A 7 4.88 -2.05 -7.49
CA LYS A 7 3.47 -1.66 -7.55
C LYS A 7 2.67 -2.39 -6.47
N TYR A 8 3.35 -2.78 -5.40
CA TYR A 8 2.70 -3.48 -4.30
C TYR A 8 1.91 -2.51 -3.42
N LYS A 9 2.57 -1.45 -2.97
CA LYS A 9 1.93 -0.45 -2.14
C LYS A 9 0.82 0.27 -2.89
N THR A 10 0.83 0.14 -4.22
CA THR A 10 -0.17 0.78 -5.06
C THR A 10 -1.51 0.08 -4.95
N TYR A 11 -1.49 -1.17 -4.47
CA TYR A 11 -2.70 -1.95 -4.32
C TYR A 11 -3.72 -1.22 -3.44
N MET A 12 -4.96 -1.17 -3.91
CA MET A 12 -6.02 -0.50 -3.17
C MET A 12 -7.19 -1.46 -2.91
N CYS A 13 -7.89 -1.25 -1.80
CA CYS A 13 -9.02 -2.08 -1.43
C CYS A 13 -10.33 -1.32 -1.57
N ARG A 14 -10.85 -1.26 -2.78
CA ARG A 14 -12.10 -0.55 -3.05
C ARG A 14 -13.29 -1.29 -2.42
N ASP A 15 -13.08 -2.56 -2.11
CA ASP A 15 -14.12 -3.38 -1.51
C ASP A 15 -14.56 -2.81 -0.17
N MET A 16 -13.72 -1.95 0.40
CA MET A 16 -14.02 -1.33 1.69
C MET A 16 -15.36 -0.60 1.64
N LYS A 17 -15.75 -0.17 0.44
CA LYS A 17 -17.01 0.55 0.25
C LYS A 17 -18.17 -0.21 0.88
N GLN A 18 -18.05 -1.54 0.91
CA GLN A 18 -19.10 -2.38 1.48
C GLN A 18 -18.58 -3.13 2.70
N ARG A 19 -19.48 -3.80 3.42
CA ARG A 19 -19.11 -4.56 4.60
C ARG A 19 -18.26 -5.77 4.24
N GLY A 20 -17.35 -6.14 5.14
CA GLY A 20 -16.48 -7.27 4.89
C GLY A 20 -15.10 -7.09 5.49
N GLY A 21 -14.53 -8.18 5.99
CA GLY A 21 -13.21 -8.12 6.60
C GLY A 21 -12.14 -8.75 5.73
N CYS A 22 -11.00 -8.07 5.60
CA CYS A 22 -9.90 -8.58 4.80
C CYS A 22 -8.56 -8.11 5.36
N PRO A 23 -7.51 -8.89 5.09
CA PRO A 23 -6.15 -8.57 5.56
C PRO A 23 -5.56 -7.36 4.83
N ARG A 24 -5.16 -6.35 5.61
CA ARG A 24 -4.58 -5.14 5.04
C ARG A 24 -3.16 -5.40 4.55
N GLY A 25 -2.35 -6.04 5.40
CA GLY A 25 -0.98 -6.33 5.03
C GLY A 25 -0.88 -7.32 3.88
N ALA A 26 -1.91 -8.14 3.72
CA ALA A 26 -1.93 -9.13 2.65
C ALA A 26 -1.60 -8.49 1.31
N SER A 27 -2.58 -7.80 0.72
CA SER A 27 -2.39 -7.14 -0.56
C SER A 27 -2.61 -5.64 -0.44
N CYS A 28 -3.53 -5.24 0.42
CA CYS A 28 -3.84 -3.84 0.64
C CYS A 28 -2.60 -3.06 1.07
N THR A 29 -1.58 -3.80 1.52
CA THR A 29 -0.34 -3.19 1.97
C THR A 29 -0.61 -2.06 2.96
N PHE A 30 -1.47 -2.33 3.93
CA PHE A 30 -1.82 -1.33 4.94
C PHE A 30 -2.34 -0.05 4.29
N ALA A 31 -3.04 -0.20 3.17
CA ALA A 31 -3.58 0.93 2.45
C ALA A 31 -4.94 0.59 1.83
N HIS A 32 -6.01 0.93 2.55
CA HIS A 32 -7.37 0.65 2.07
C HIS A 32 -7.94 1.86 1.35
N SER A 33 -7.44 3.05 1.69
CA SER A 33 -7.91 4.28 1.06
C SER A 33 -6.76 4.99 0.35
N GLN A 34 -7.09 5.75 -0.68
CA GLN A 34 -6.10 6.49 -1.44
C GLN A 34 -5.22 7.33 -0.52
N GLU A 35 -5.81 7.82 0.56
CA GLU A 35 -5.08 8.64 1.53
C GLU A 35 -3.90 7.88 2.10
N GLU A 36 -4.12 6.60 2.40
CA GLU A 36 -3.06 5.76 2.96
C GLU A 36 -2.03 5.41 1.91
N LEU A 37 -2.46 5.32 0.65
CA LEU A 37 -1.57 4.99 -0.45
C LEU A 37 -0.38 5.93 -0.49
N GLU A 38 -0.58 7.15 0.02
CA GLU A 38 0.49 8.15 0.04
C GLU A 38 1.73 7.59 0.72
N LYS A 39 1.54 6.63 1.62
CA LYS A 39 2.64 6.02 2.34
C LYS A 39 3.65 5.39 1.38
N PHE A 40 3.20 5.14 0.15
CA PHE A 40 4.05 4.54 -0.88
C PHE A 40 5.36 5.32 -1.01
N ARG A 41 5.31 6.61 -0.71
CA ARG A 41 6.48 7.47 -0.80
C ARG A 41 7.58 6.99 0.13
N LYS A 42 7.19 6.54 1.32
CA LYS A 42 8.15 6.05 2.31
C LYS A 42 9.00 4.93 1.73
N MET A 43 8.42 4.17 0.81
CA MET A 43 9.13 3.06 0.17
C MET A 43 10.20 3.59 -0.79
N ASN A 44 9.84 4.61 -1.56
CA ASN A 44 10.78 5.20 -2.51
C ASN A 44 12.06 5.63 -1.82
N LYS A 45 11.96 6.02 -0.55
CA LYS A 45 13.10 6.45 0.22
C LYS A 45 14.05 5.29 0.49
N ARG A 46 15.35 5.53 0.30
CA ARG A 46 16.36 4.51 0.51
C ARG A 46 17.01 4.67 1.88
N LEU A 47 16.19 4.88 2.90
CA LEU A 47 16.70 5.05 4.26
C LEU A 47 16.13 3.98 5.19
N VAL A 48 16.89 2.91 5.38
CA VAL A 48 16.47 1.81 6.25
C VAL A 48 16.97 2.02 7.68
N GLY A 1 8.53 8.25 -9.22
CA GLY A 1 8.62 8.85 -10.54
C GLY A 1 7.32 8.75 -11.31
N ALA A 2 7.42 8.65 -12.63
CA ALA A 2 6.24 8.55 -13.48
C ALA A 2 5.79 7.10 -13.63
N MET A 3 6.75 6.21 -13.83
CA MET A 3 6.45 4.79 -13.98
C MET A 3 7.15 3.96 -12.91
N ALA A 4 6.90 2.66 -12.93
CA ALA A 4 7.51 1.75 -11.95
C ALA A 4 7.21 0.30 -12.30
N HIS A 5 8.16 -0.59 -12.00
CA HIS A 5 7.99 -2.01 -12.27
C HIS A 5 7.44 -2.74 -11.05
N SER A 6 7.81 -2.25 -9.86
CA SER A 6 7.36 -2.86 -8.61
C SER A 6 6.58 -1.86 -7.77
N LYS A 7 5.25 -1.84 -7.95
CA LYS A 7 4.39 -0.93 -7.21
C LYS A 7 3.75 -1.64 -6.02
N TYR A 8 4.52 -2.52 -5.38
CA TYR A 8 4.02 -3.27 -4.23
C TYR A 8 3.52 -2.32 -3.14
N LYS A 9 4.30 -1.27 -2.88
CA LYS A 9 3.93 -0.29 -1.86
C LYS A 9 2.72 0.53 -2.30
N THR A 10 2.40 0.44 -3.60
CA THR A 10 1.26 1.17 -4.14
C THR A 10 0.01 0.31 -4.17
N TYR A 11 -0.06 -0.65 -3.26
CA TYR A 11 -1.21 -1.56 -3.18
C TYR A 11 -2.43 -0.83 -2.63
N MET A 12 -3.62 -1.33 -2.98
CA MET A 12 -4.86 -0.73 -2.53
C MET A 12 -5.85 -1.81 -2.09
N CYS A 13 -6.38 -1.68 -0.88
CA CYS A 13 -7.34 -2.63 -0.35
C CYS A 13 -8.68 -1.97 -0.06
N ARG A 14 -9.28 -1.40 -1.10
CA ARG A 14 -10.56 -0.72 -0.96
C ARG A 14 -11.68 -1.73 -0.65
N ASP A 15 -11.45 -2.98 -1.03
CA ASP A 15 -12.44 -4.04 -0.80
C ASP A 15 -12.73 -4.18 0.69
N MET A 16 -11.80 -3.72 1.52
CA MET A 16 -11.96 -3.81 2.97
C MET A 16 -13.25 -3.13 3.42
N LYS A 17 -13.73 -2.19 2.62
CA LYS A 17 -14.96 -1.47 2.92
C LYS A 17 -16.09 -2.44 3.23
N GLN A 18 -16.05 -3.62 2.60
CA GLN A 18 -17.07 -4.63 2.80
C GLN A 18 -16.71 -5.54 3.96
N ARG A 19 -17.68 -6.33 4.43
CA ARG A 19 -17.46 -7.25 5.53
C ARG A 19 -16.29 -8.18 5.25
N GLY A 20 -15.31 -8.17 6.15
CA GLY A 20 -14.14 -9.02 5.97
C GLY A 20 -12.86 -8.33 6.39
N GLY A 21 -12.02 -9.04 7.14
CA GLY A 21 -10.77 -8.47 7.60
C GLY A 21 -9.57 -9.15 6.97
N CYS A 22 -8.49 -8.38 6.80
CA CYS A 22 -7.27 -8.90 6.19
C CYS A 22 -6.06 -8.09 6.63
N PRO A 23 -4.88 -8.73 6.62
CA PRO A 23 -3.62 -8.09 7.02
C PRO A 23 -3.16 -7.04 6.01
N ARG A 24 -2.96 -5.82 6.48
CA ARG A 24 -2.53 -4.73 5.62
C ARG A 24 -1.06 -4.89 5.23
N GLY A 25 -0.20 -5.05 6.23
CA GLY A 25 1.21 -5.22 5.98
C GLY A 25 1.51 -6.43 5.13
N ALA A 26 0.64 -7.43 5.20
CA ALA A 26 0.81 -8.66 4.43
C ALA A 26 1.10 -8.35 2.96
N SER A 27 0.05 -7.98 2.23
CA SER A 27 0.18 -7.66 0.81
C SER A 27 -0.23 -6.22 0.54
N CYS A 28 -1.15 -5.71 1.34
CA CYS A 28 -1.64 -4.35 1.19
C CYS A 28 -0.54 -3.34 1.49
N THR A 29 0.58 -3.83 2.02
CA THR A 29 1.71 -2.98 2.36
C THR A 29 1.25 -1.78 3.19
N PHE A 30 0.40 -2.03 4.18
CA PHE A 30 -0.10 -0.96 5.04
C PHE A 30 -0.73 0.15 4.22
N ALA A 31 -1.37 -0.23 3.11
CA ALA A 31 -2.02 0.74 2.24
C ALA A 31 -3.49 0.38 2.01
N HIS A 32 -4.26 0.36 3.09
CA HIS A 32 -5.68 0.03 3.01
C HIS A 32 -6.50 1.25 2.61
N SER A 33 -5.88 2.43 2.68
CA SER A 33 -6.56 3.67 2.34
C SER A 33 -5.70 4.51 1.41
N GLN A 34 -6.32 5.53 0.81
CA GLN A 34 -5.60 6.41 -0.11
C GLN A 34 -4.53 7.22 0.61
N GLU A 35 -4.79 7.51 1.88
CA GLU A 35 -3.83 8.28 2.69
C GLU A 35 -2.48 7.59 2.73
N GLU A 36 -2.48 6.29 3.01
CA GLU A 36 -1.24 5.52 3.09
C GLU A 36 -0.58 5.43 1.72
N LEU A 37 -1.40 5.44 0.66
CA LEU A 37 -0.89 5.36 -0.70
C LEU A 37 0.12 6.48 -0.97
N GLU A 38 0.00 7.57 -0.22
CA GLU A 38 0.90 8.71 -0.38
C GLU A 38 2.28 8.39 0.19
N LYS A 39 2.34 7.47 1.15
CA LYS A 39 3.59 7.07 1.77
C LYS A 39 4.38 6.14 0.85
N PHE A 40 3.78 5.79 -0.28
CA PHE A 40 4.43 4.91 -1.25
C PHE A 40 5.83 5.41 -1.59
N ARG A 41 6.03 6.73 -1.50
CA ARG A 41 7.31 7.33 -1.79
C ARG A 41 8.42 6.74 -0.93
N LYS A 42 8.04 6.29 0.26
CA LYS A 42 8.99 5.69 1.20
C LYS A 42 9.69 4.49 0.57
N MET A 43 9.02 3.87 -0.39
CA MET A 43 9.58 2.70 -1.09
C MET A 43 10.98 3.01 -1.62
N ASN A 44 11.22 4.28 -1.95
CA ASN A 44 12.52 4.70 -2.47
C ASN A 44 13.51 4.93 -1.33
N LYS A 45 13.16 5.84 -0.44
CA LYS A 45 14.03 6.16 0.70
C LYS A 45 13.92 5.08 1.78
N ARG A 46 14.74 4.05 1.65
CA ARG A 46 14.74 2.95 2.61
C ARG A 46 16.07 2.87 3.36
N LEU A 47 16.00 2.84 4.68
CA LEU A 47 17.21 2.77 5.51
C LEU A 47 16.86 2.33 6.93
N VAL A 48 17.86 1.84 7.65
CA VAL A 48 17.67 1.40 9.02
C VAL A 48 17.80 2.55 10.00
N GLY A 1 15.87 6.05 -16.24
CA GLY A 1 16.15 4.63 -16.10
C GLY A 1 15.05 3.89 -15.38
N ALA A 2 14.68 2.72 -15.89
CA ALA A 2 13.62 1.91 -15.29
C ALA A 2 14.20 0.94 -14.27
N MET A 3 14.12 1.31 -13.00
CA MET A 3 14.63 0.46 -11.92
C MET A 3 13.63 0.38 -10.77
N ALA A 4 13.20 -0.83 -10.47
CA ALA A 4 12.24 -1.05 -9.39
C ALA A 4 11.01 -0.17 -9.56
N HIS A 5 10.41 -0.24 -10.75
CA HIS A 5 9.21 0.55 -11.04
C HIS A 5 7.96 -0.32 -10.98
N SER A 6 7.34 -0.37 -9.81
CA SER A 6 6.13 -1.16 -9.62
C SER A 6 5.10 -0.40 -8.81
N LYS A 7 3.84 -0.85 -8.85
CA LYS A 7 2.77 -0.21 -8.12
C LYS A 7 2.41 -1.00 -6.87
N TYR A 8 3.38 -1.74 -6.35
CA TYR A 8 3.17 -2.54 -5.15
C TYR A 8 2.78 -1.66 -3.97
N LYS A 9 3.52 -0.58 -3.77
CA LYS A 9 3.25 0.35 -2.68
C LYS A 9 1.90 1.04 -2.88
N THR A 10 1.37 0.95 -4.09
CA THR A 10 0.08 1.57 -4.41
C THR A 10 -1.05 0.57 -4.26
N TYR A 11 -0.86 -0.42 -3.40
CA TYR A 11 -1.88 -1.44 -3.17
C TYR A 11 -3.00 -0.91 -2.28
N MET A 12 -4.19 -1.47 -2.45
CA MET A 12 -5.35 -1.05 -1.66
C MET A 12 -6.16 -2.26 -1.20
N CYS A 13 -6.54 -2.27 0.06
CA CYS A 13 -7.32 -3.36 0.64
C CYS A 13 -8.69 -2.87 1.10
N ARG A 14 -9.67 -2.95 0.21
CA ARG A 14 -11.02 -2.52 0.53
C ARG A 14 -11.61 -3.35 1.67
N ASP A 15 -11.04 -4.53 1.89
CA ASP A 15 -11.50 -5.42 2.95
C ASP A 15 -11.47 -4.72 4.30
N MET A 16 -10.62 -3.71 4.42
CA MET A 16 -10.49 -2.96 5.67
C MET A 16 -11.84 -2.39 6.09
N LYS A 17 -12.72 -2.17 5.12
CA LYS A 17 -14.05 -1.63 5.39
C LYS A 17 -14.75 -2.43 6.48
N GLN A 18 -14.47 -3.73 6.53
CA GLN A 18 -15.07 -4.61 7.53
C GLN A 18 -14.00 -5.28 8.38
N ARG A 19 -14.43 -6.20 9.24
CA ARG A 19 -13.51 -6.92 10.11
C ARG A 19 -12.37 -7.54 9.30
N GLY A 20 -12.72 -8.44 8.39
CA GLY A 20 -11.71 -9.09 7.57
C GLY A 20 -10.59 -9.71 8.40
N GLY A 21 -9.43 -9.90 7.78
CA GLY A 21 -8.31 -10.48 8.47
C GLY A 21 -7.20 -10.91 7.54
N CYS A 22 -6.37 -9.95 7.12
CA CYS A 22 -5.27 -10.23 6.21
C CYS A 22 -4.06 -9.35 6.54
N PRO A 23 -2.86 -9.83 6.19
CA PRO A 23 -1.62 -9.11 6.43
C PRO A 23 -1.48 -7.88 5.54
N ARG A 24 -1.29 -6.73 6.17
CA ARG A 24 -1.14 -5.48 5.43
C ARG A 24 0.22 -5.41 4.75
N GLY A 25 1.28 -5.61 5.53
CA GLY A 25 2.62 -5.56 4.97
C GLY A 25 2.84 -6.60 3.89
N ALA A 26 2.09 -7.69 3.96
CA ALA A 26 2.20 -8.76 2.97
C ALA A 26 2.15 -8.21 1.56
N SER A 27 0.94 -7.87 1.11
CA SER A 27 0.76 -7.33 -0.23
C SER A 27 0.17 -5.93 -0.19
N CYS A 28 -0.67 -5.67 0.82
CA CYS A 28 -1.30 -4.38 0.99
C CYS A 28 -0.27 -3.29 1.21
N THR A 29 0.97 -3.70 1.50
CA THR A 29 2.05 -2.76 1.74
C THR A 29 1.65 -1.70 2.75
N PHE A 30 1.01 -2.14 3.83
CA PHE A 30 0.57 -1.22 4.87
C PHE A 30 -0.34 -0.14 4.30
N ALA A 31 -1.12 -0.49 3.29
CA ALA A 31 -2.03 0.45 2.65
C ALA A 31 -3.46 -0.11 2.62
N HIS A 32 -4.04 -0.31 3.80
CA HIS A 32 -5.39 -0.84 3.91
C HIS A 32 -6.42 0.28 3.76
N SER A 33 -5.96 1.52 3.87
CA SER A 33 -6.84 2.68 3.75
C SER A 33 -6.25 3.72 2.80
N GLN A 34 -7.13 4.47 2.14
CA GLN A 34 -6.68 5.50 1.20
C GLN A 34 -5.67 6.44 1.85
N GLU A 35 -5.92 6.78 3.11
CA GLU A 35 -5.03 7.67 3.84
C GLU A 35 -3.63 7.10 3.93
N GLU A 36 -3.54 5.77 4.01
CA GLU A 36 -2.25 5.10 4.10
C GLU A 36 -1.54 5.12 2.75
N LEU A 37 -2.32 5.12 1.68
CA LEU A 37 -1.75 5.14 0.33
C LEU A 37 -0.79 6.30 0.16
N GLU A 38 -1.00 7.36 0.93
CA GLU A 38 -0.15 8.54 0.85
C GLU A 38 1.32 8.16 1.06
N LYS A 39 1.55 7.06 1.76
CA LYS A 39 2.90 6.59 2.02
C LYS A 39 3.64 6.33 0.72
N PHE A 40 2.89 6.17 -0.37
CA PHE A 40 3.47 5.91 -1.68
C PHE A 40 4.54 6.95 -2.01
N ARG A 41 4.39 8.14 -1.46
CA ARG A 41 5.34 9.22 -1.69
C ARG A 41 6.73 8.85 -1.19
N LYS A 42 6.78 8.09 -0.11
CA LYS A 42 8.04 7.66 0.47
C LYS A 42 8.72 6.62 -0.42
N MET A 43 7.92 5.86 -1.15
CA MET A 43 8.44 4.83 -2.04
C MET A 43 9.50 5.41 -2.98
N ASN A 44 9.36 6.69 -3.30
CA ASN A 44 10.30 7.37 -4.19
C ASN A 44 11.73 7.19 -3.70
N LYS A 45 11.89 7.04 -2.39
CA LYS A 45 13.21 6.86 -1.79
C LYS A 45 13.22 5.64 -0.87
N ARG A 46 13.83 4.56 -1.35
CA ARG A 46 13.92 3.33 -0.56
C ARG A 46 15.30 3.17 0.06
N LEU A 47 15.33 2.84 1.35
CA LEU A 47 16.59 2.66 2.06
C LEU A 47 16.35 2.02 3.42
N VAL A 48 17.43 1.88 4.20
CA VAL A 48 17.34 1.28 5.52
C VAL A 48 17.16 2.33 6.60
N GLY A 1 16.98 8.36 -9.94
CA GLY A 1 16.47 7.01 -10.01
C GLY A 1 15.72 6.60 -8.75
N ALA A 2 16.33 5.75 -7.94
CA ALA A 2 15.71 5.29 -6.70
C ALA A 2 14.36 4.63 -6.98
N MET A 3 14.34 3.71 -7.93
CA MET A 3 13.10 3.01 -8.29
C MET A 3 12.99 1.70 -7.54
N ALA A 4 11.77 1.16 -7.46
CA ALA A 4 11.53 -0.10 -6.77
C ALA A 4 11.10 -1.19 -7.75
N HIS A 5 10.51 -0.77 -8.87
CA HIS A 5 10.04 -1.71 -9.89
C HIS A 5 9.03 -2.70 -9.30
N SER A 6 8.33 -2.27 -8.25
CA SER A 6 7.35 -3.12 -7.60
C SER A 6 6.16 -2.29 -7.12
N LYS A 7 4.96 -2.72 -7.51
CA LYS A 7 3.74 -2.03 -7.12
C LYS A 7 3.01 -2.78 -6.01
N TYR A 8 3.75 -3.11 -4.95
CA TYR A 8 3.17 -3.84 -3.82
C TYR A 8 2.35 -2.91 -2.94
N LYS A 9 2.98 -1.85 -2.46
CA LYS A 9 2.31 -0.87 -1.61
C LYS A 9 1.17 -0.18 -2.35
N THR A 10 1.18 -0.30 -3.67
CA THR A 10 0.15 0.31 -4.51
C THR A 10 -1.16 -0.45 -4.40
N TYR A 11 -1.08 -1.69 -3.94
CA TYR A 11 -2.26 -2.54 -3.79
C TYR A 11 -3.31 -1.85 -2.90
N MET A 12 -4.55 -1.83 -3.38
CA MET A 12 -5.64 -1.21 -2.63
C MET A 12 -6.79 -2.19 -2.44
N CYS A 13 -7.51 -2.05 -1.33
CA CYS A 13 -8.64 -2.92 -1.02
C CYS A 13 -9.95 -2.19 -1.26
N ARG A 14 -10.53 -2.41 -2.45
CA ARG A 14 -11.80 -1.78 -2.80
C ARG A 14 -12.94 -2.35 -1.97
N ASP A 15 -12.76 -3.58 -1.48
CA ASP A 15 -13.78 -4.23 -0.67
C ASP A 15 -14.11 -3.41 0.56
N MET A 16 -13.17 -2.55 0.96
CA MET A 16 -13.38 -1.70 2.13
C MET A 16 -14.64 -0.85 1.98
N LYS A 17 -15.04 -0.61 0.73
CA LYS A 17 -16.22 0.18 0.46
C LYS A 17 -17.43 -0.35 1.23
N GLN A 18 -17.44 -1.66 1.47
CA GLN A 18 -18.54 -2.28 2.20
C GLN A 18 -18.01 -3.10 3.37
N ARG A 19 -18.92 -3.70 4.13
CA ARG A 19 -18.55 -4.51 5.28
C ARG A 19 -17.75 -5.75 4.85
N GLY A 20 -16.75 -6.11 5.64
CA GLY A 20 -15.94 -7.27 5.32
C GLY A 20 -14.64 -7.29 6.09
N GLY A 21 -14.18 -8.49 6.45
CA GLY A 21 -12.93 -8.62 7.18
C GLY A 21 -11.85 -9.31 6.39
N CYS A 22 -10.73 -8.63 6.20
CA CYS A 22 -9.61 -9.18 5.44
C CYS A 22 -8.28 -8.63 5.95
N PRO A 23 -7.21 -9.42 5.77
CA PRO A 23 -5.86 -9.04 6.21
C PRO A 23 -5.29 -7.90 5.38
N ARG A 24 -4.90 -6.82 6.05
CA ARG A 24 -4.33 -5.66 5.37
C ARG A 24 -2.91 -5.95 4.89
N GLY A 25 -2.06 -6.40 5.81
CA GLY A 25 -0.69 -6.71 5.46
C GLY A 25 -0.59 -7.79 4.40
N ALA A 26 -1.60 -8.65 4.33
CA ALA A 26 -1.61 -9.73 3.35
C ALA A 26 -1.33 -9.20 1.95
N SER A 27 -2.32 -8.56 1.34
CA SER A 27 -2.17 -8.02 0.00
C SER A 27 -2.38 -6.51 0.00
N CYS A 28 -3.25 -6.05 0.89
CA CYS A 28 -3.55 -4.62 1.00
C CYS A 28 -2.30 -3.83 1.40
N THR A 29 -1.27 -4.54 1.83
CA THR A 29 -0.02 -3.92 2.24
C THR A 29 -0.27 -2.79 3.23
N PHE A 30 -1.14 -3.04 4.21
CA PHE A 30 -1.47 -2.04 5.22
C PHE A 30 -2.03 -0.78 4.56
N ALA A 31 -2.74 -0.96 3.46
CA ALA A 31 -3.33 0.17 2.74
C ALA A 31 -4.72 -0.18 2.22
N HIS A 32 -5.75 0.20 2.96
CA HIS A 32 -7.13 -0.08 2.57
C HIS A 32 -7.75 1.15 1.91
N SER A 33 -7.25 2.33 2.26
CA SER A 33 -7.77 3.57 1.71
C SER A 33 -6.67 4.32 0.94
N GLN A 34 -7.09 5.30 0.14
CA GLN A 34 -6.14 6.09 -0.65
C GLN A 34 -5.14 6.79 0.25
N GLU A 35 -5.63 7.44 1.30
CA GLU A 35 -4.77 8.15 2.25
C GLU A 35 -3.73 7.21 2.84
N GLU A 36 -4.11 5.94 3.01
CA GLU A 36 -3.20 4.95 3.57
C GLU A 36 -2.09 4.59 2.58
N LEU A 37 -2.41 4.68 1.29
CA LEU A 37 -1.45 4.36 0.25
C LEU A 37 -0.30 5.38 0.25
N GLU A 38 -0.59 6.59 0.71
CA GLU A 38 0.41 7.65 0.76
C GLU A 38 1.65 7.18 1.52
N LYS A 39 1.46 6.22 2.43
CA LYS A 39 2.56 5.69 3.22
C LYS A 39 3.64 5.10 2.33
N PHE A 40 3.27 4.79 1.09
CA PHE A 40 4.21 4.22 0.13
C PHE A 40 5.48 5.06 0.04
N ARG A 41 5.34 6.36 0.31
CA ARG A 41 6.48 7.27 0.26
C ARG A 41 7.54 6.89 1.28
N LYS A 42 7.08 6.43 2.44
CA LYS A 42 7.99 6.02 3.51
C LYS A 42 8.98 4.96 3.02
N MET A 43 8.56 4.19 2.03
CA MET A 43 9.40 3.13 1.46
C MET A 43 10.61 3.74 0.75
N ASN A 44 10.44 4.96 0.24
CA ASN A 44 11.53 5.64 -0.47
C ASN A 44 12.79 5.67 0.38
N LYS A 45 12.61 5.72 1.69
CA LYS A 45 13.74 5.76 2.62
C LYS A 45 13.94 4.40 3.30
N ARG A 46 15.12 3.82 3.10
CA ARG A 46 15.43 2.52 3.70
C ARG A 46 16.13 2.69 5.04
N LEU A 47 15.35 2.86 6.10
CA LEU A 47 15.90 3.03 7.44
C LEU A 47 15.49 1.87 8.35
N VAL A 48 14.36 1.25 8.02
CA VAL A 48 13.86 0.13 8.82
C VAL A 48 14.93 -0.96 8.97
N GLY A 1 -2.17 12.90 -13.66
CA GLY A 1 -1.50 13.56 -12.55
C GLY A 1 -0.04 13.18 -12.44
N ALA A 2 0.31 12.47 -11.37
CA ALA A 2 1.70 12.04 -11.16
C ALA A 2 1.76 10.56 -10.81
N MET A 3 2.78 9.88 -11.35
CA MET A 3 2.95 8.46 -11.10
C MET A 3 4.36 8.16 -10.60
N ALA A 4 4.45 7.46 -9.47
CA ALA A 4 5.74 7.11 -8.89
C ALA A 4 6.39 5.96 -9.65
N HIS A 5 7.68 5.74 -9.37
CA HIS A 5 8.41 4.66 -10.03
C HIS A 5 7.93 3.30 -9.56
N SER A 6 7.39 3.25 -8.34
CA SER A 6 6.89 2.01 -7.78
C SER A 6 5.37 2.02 -7.68
N LYS A 7 4.73 1.07 -8.36
CA LYS A 7 3.27 0.98 -8.35
C LYS A 7 2.81 -0.28 -7.62
N TYR A 8 3.67 -1.30 -7.60
CA TYR A 8 3.36 -2.56 -6.95
C TYR A 8 3.01 -2.33 -5.48
N LYS A 9 3.60 -1.30 -4.89
CA LYS A 9 3.36 -0.97 -3.49
C LYS A 9 2.14 -0.05 -3.35
N THR A 10 1.75 0.57 -4.46
CA THR A 10 0.61 1.49 -4.47
C THR A 10 -0.70 0.71 -4.38
N TYR A 11 -0.61 -0.61 -4.50
CA TYR A 11 -1.80 -1.46 -4.43
C TYR A 11 -2.57 -1.23 -3.13
N MET A 12 -3.88 -1.12 -3.25
CA MET A 12 -4.74 -0.89 -2.08
C MET A 12 -5.79 -2.00 -1.96
N CYS A 13 -6.15 -2.32 -0.73
CA CYS A 13 -7.15 -3.35 -0.47
C CYS A 13 -8.51 -2.74 -0.15
N ARG A 14 -9.35 -2.64 -1.18
CA ARG A 14 -10.68 -2.07 -1.01
C ARG A 14 -11.56 -2.96 -0.14
N ASP A 15 -11.22 -4.26 -0.11
CA ASP A 15 -11.98 -5.22 0.67
C ASP A 15 -12.03 -4.80 2.14
N MET A 16 -11.04 -4.01 2.56
CA MET A 16 -10.98 -3.54 3.94
C MET A 16 -12.25 -2.81 4.32
N LYS A 17 -12.94 -2.26 3.33
CA LYS A 17 -14.17 -1.52 3.57
C LYS A 17 -15.16 -2.36 4.37
N GLN A 18 -15.08 -3.68 4.20
CA GLN A 18 -15.98 -4.58 4.92
C GLN A 18 -15.18 -5.66 5.64
N ARG A 19 -15.88 -6.54 6.35
CA ARG A 19 -15.24 -7.62 7.09
C ARG A 19 -14.58 -8.61 6.14
N GLY A 20 -13.42 -9.12 6.55
CA GLY A 20 -12.70 -10.07 5.71
C GLY A 20 -11.24 -10.21 6.11
N GLY A 21 -10.70 -11.41 5.93
CA GLY A 21 -9.30 -11.65 6.29
C GLY A 21 -8.45 -11.98 5.08
N CYS A 22 -7.42 -11.16 4.84
CA CYS A 22 -6.53 -11.37 3.72
C CYS A 22 -5.12 -10.90 4.05
N PRO A 23 -4.12 -11.51 3.39
CA PRO A 23 -2.71 -11.18 3.60
C PRO A 23 -2.36 -9.79 3.06
N ARG A 24 -1.81 -8.95 3.93
CA ARG A 24 -1.43 -7.60 3.54
C ARG A 24 -0.17 -7.62 2.68
N GLY A 25 0.88 -8.27 3.18
CA GLY A 25 2.13 -8.35 2.44
C GLY A 25 1.96 -9.04 1.10
N ALA A 26 0.97 -9.92 1.01
CA ALA A 26 0.71 -10.64 -0.23
C ALA A 26 0.65 -9.69 -1.43
N SER A 27 -0.47 -8.97 -1.55
CA SER A 27 -0.64 -8.03 -2.65
C SER A 27 -0.85 -6.62 -2.13
N CYS A 28 -1.43 -6.51 -0.93
CA CYS A 28 -1.67 -5.22 -0.32
C CYS A 28 -0.37 -4.52 0.03
N THR A 29 0.73 -5.25 -0.08
CA THR A 29 2.05 -4.70 0.23
C THR A 29 2.06 -4.00 1.58
N PHE A 30 1.45 -4.65 2.57
CA PHE A 30 1.38 -4.09 3.92
C PHE A 30 0.72 -2.71 3.90
N ALA A 31 -0.26 -2.54 3.03
CA ALA A 31 -0.98 -1.28 2.91
C ALA A 31 -2.45 -1.51 2.59
N HIS A 32 -3.30 -1.45 3.61
CA HIS A 32 -4.73 -1.64 3.43
C HIS A 32 -5.46 -0.31 3.33
N SER A 33 -4.88 0.71 3.95
CA SER A 33 -5.47 2.05 3.94
C SER A 33 -4.56 3.05 3.25
N GLN A 34 -5.16 4.06 2.62
CA GLN A 34 -4.41 5.08 1.92
C GLN A 34 -3.31 5.67 2.82
N GLU A 35 -3.61 5.75 4.11
CA GLU A 35 -2.65 6.29 5.08
C GLU A 35 -1.34 5.52 5.03
N GLU A 36 -1.43 4.20 5.00
CA GLU A 36 -0.25 3.34 4.95
C GLU A 36 0.49 3.50 3.63
N LEU A 37 -0.27 3.79 2.57
CA LEU A 37 0.31 3.96 1.25
C LEU A 37 1.43 5.00 1.27
N GLU A 38 1.29 5.98 2.15
CA GLU A 38 2.30 7.04 2.27
C GLU A 38 3.68 6.45 2.52
N LYS A 39 3.71 5.25 3.10
CA LYS A 39 4.97 4.58 3.40
C LYS A 39 5.78 4.35 2.13
N PHE A 40 5.10 4.42 0.99
CA PHE A 40 5.75 4.22 -0.30
C PHE A 40 6.97 5.13 -0.45
N ARG A 41 6.92 6.26 0.24
CA ARG A 41 8.02 7.23 0.19
C ARG A 41 9.34 6.56 0.54
N LYS A 42 9.28 5.51 1.35
CA LYS A 42 10.47 4.78 1.78
C LYS A 42 11.16 4.15 0.57
N MET A 43 10.38 3.77 -0.44
CA MET A 43 10.91 3.15 -1.64
C MET A 43 11.99 4.03 -2.26
N ASN A 44 11.67 5.30 -2.45
CA ASN A 44 12.60 6.25 -3.05
C ASN A 44 13.95 6.23 -2.32
N LYS A 45 13.88 6.10 -1.00
CA LYS A 45 15.10 6.06 -0.18
C LYS A 45 15.31 4.67 0.39
N ARG A 46 15.96 3.81 -0.40
CA ARG A 46 16.23 2.45 0.03
C ARG A 46 17.42 2.40 0.99
N LEU A 47 17.27 3.07 2.14
CA LEU A 47 18.32 3.10 3.14
C LEU A 47 17.93 2.30 4.37
N VAL A 48 16.76 2.59 4.93
CA VAL A 48 16.28 1.89 6.10
C VAL A 48 15.62 0.57 5.72
N GLY A 1 19.69 -1.48 -0.74
CA GLY A 1 18.61 -1.46 -1.71
C GLY A 1 18.45 -0.11 -2.38
N ALA A 2 18.34 -0.12 -3.71
CA ALA A 2 18.19 1.11 -4.48
C ALA A 2 16.92 1.08 -5.31
N MET A 3 16.67 -0.05 -5.97
CA MET A 3 15.49 -0.21 -6.80
C MET A 3 14.45 -1.09 -6.12
N ALA A 4 13.28 -0.53 -5.86
CA ALA A 4 12.21 -1.27 -5.21
C ALA A 4 11.41 -2.09 -6.23
N HIS A 5 10.78 -1.41 -7.17
CA HIS A 5 9.99 -2.08 -8.20
C HIS A 5 8.96 -3.02 -7.57
N SER A 6 8.31 -2.54 -6.52
CA SER A 6 7.30 -3.33 -5.82
C SER A 6 6.03 -2.52 -5.60
N LYS A 7 4.91 -3.01 -6.14
CA LYS A 7 3.63 -2.34 -6.00
C LYS A 7 2.84 -2.90 -4.83
N TYR A 8 3.55 -3.22 -3.74
CA TYR A 8 2.91 -3.77 -2.55
C TYR A 8 1.96 -2.76 -1.92
N LYS A 9 2.53 -1.73 -1.31
CA LYS A 9 1.73 -0.69 -0.66
C LYS A 9 0.86 0.03 -1.68
N THR A 10 1.19 -0.10 -2.95
CA THR A 10 0.44 0.53 -4.03
C THR A 10 -0.88 -0.19 -4.26
N TYR A 11 -1.05 -1.34 -3.62
CA TYR A 11 -2.27 -2.12 -3.75
C TYR A 11 -3.50 -1.29 -3.39
N MET A 12 -4.61 -1.55 -4.08
CA MET A 12 -5.85 -0.82 -3.83
C MET A 12 -7.03 -1.78 -3.77
N CYS A 13 -8.02 -1.44 -2.95
CA CYS A 13 -9.22 -2.27 -2.80
C CYS A 13 -10.47 -1.49 -3.19
N ARG A 14 -10.94 -1.74 -4.41
CA ARG A 14 -12.13 -1.07 -4.92
C ARG A 14 -13.38 -1.56 -4.19
N ASP A 15 -13.26 -2.69 -3.51
CA ASP A 15 -14.38 -3.26 -2.77
C ASP A 15 -14.83 -2.31 -1.66
N MET A 16 -13.97 -1.36 -1.31
CA MET A 16 -14.28 -0.39 -0.27
C MET A 16 -15.58 0.35 -0.58
N LYS A 17 -15.91 0.42 -1.87
CA LYS A 17 -17.13 1.10 -2.31
C LYS A 17 -18.34 0.59 -1.54
N GLN A 18 -18.29 -0.67 -1.13
CA GLN A 18 -19.39 -1.28 -0.38
C GLN A 18 -18.89 -1.88 0.92
N ARG A 19 -19.82 -2.34 1.75
CA ARG A 19 -19.49 -2.93 3.04
C ARG A 19 -18.54 -4.10 2.86
N GLY A 20 -19.06 -5.22 2.38
CA GLY A 20 -18.25 -6.40 2.16
C GLY A 20 -17.48 -6.80 3.40
N GLY A 21 -16.22 -7.20 3.21
CA GLY A 21 -15.39 -7.61 4.34
C GLY A 21 -14.14 -8.34 3.89
N CYS A 22 -13.01 -7.64 3.92
CA CYS A 22 -11.74 -8.22 3.52
C CYS A 22 -10.59 -7.68 4.36
N PRO A 23 -9.53 -8.48 4.52
CA PRO A 23 -8.35 -8.09 5.30
C PRO A 23 -7.55 -6.99 4.62
N ARG A 24 -7.34 -5.89 5.35
CA ARG A 24 -6.58 -4.76 4.83
C ARG A 24 -5.09 -5.07 4.77
N GLY A 25 -4.55 -5.52 5.90
CA GLY A 25 -3.13 -5.85 5.96
C GLY A 25 -2.75 -6.96 5.00
N ALA A 26 -3.73 -7.81 4.67
CA ALA A 26 -3.49 -8.93 3.77
C ALA A 26 -2.81 -8.45 2.49
N SER A 27 -3.58 -7.84 1.59
CA SER A 27 -3.04 -7.34 0.33
C SER A 27 -3.23 -5.83 0.21
N CYS A 28 -4.33 -5.34 0.77
CA CYS A 28 -4.64 -3.92 0.73
C CYS A 28 -3.53 -3.11 1.40
N THR A 29 -2.70 -3.78 2.18
CA THR A 29 -1.61 -3.12 2.88
C THR A 29 -2.09 -1.89 3.63
N PHE A 30 -3.23 -2.03 4.31
CA PHE A 30 -3.80 -0.92 5.07
C PHE A 30 -4.08 0.28 4.16
N ALA A 31 -4.54 0.00 2.95
CA ALA A 31 -4.85 1.05 1.99
C ALA A 31 -6.02 0.66 1.10
N HIS A 32 -7.23 1.03 1.53
CA HIS A 32 -8.43 0.71 0.77
C HIS A 32 -8.80 1.87 -0.17
N SER A 33 -8.37 3.07 0.19
CA SER A 33 -8.65 4.25 -0.62
C SER A 33 -7.37 4.93 -1.07
N GLN A 34 -7.47 5.75 -2.10
CA GLN A 34 -6.31 6.47 -2.63
C GLN A 34 -5.65 7.32 -1.55
N GLU A 35 -6.45 7.74 -0.57
CA GLU A 35 -5.94 8.57 0.52
C GLU A 35 -4.80 7.86 1.24
N GLU A 36 -5.00 6.58 1.54
CA GLU A 36 -3.97 5.80 2.23
C GLU A 36 -2.79 5.51 1.31
N LEU A 37 -3.08 5.39 0.02
CA LEU A 37 -2.04 5.11 -0.97
C LEU A 37 -0.90 6.12 -0.86
N GLU A 38 -1.22 7.32 -0.40
CA GLU A 38 -0.22 8.37 -0.25
C GLU A 38 0.94 7.90 0.60
N LYS A 39 0.68 6.93 1.47
CA LYS A 39 1.70 6.39 2.36
C LYS A 39 2.86 5.80 1.54
N PHE A 40 2.60 5.51 0.27
CA PHE A 40 3.61 4.95 -0.61
C PHE A 40 4.88 5.79 -0.58
N ARG A 41 4.73 7.08 -0.31
CA ARG A 41 5.86 7.99 -0.27
C ARG A 41 6.73 7.72 0.96
N LYS A 42 6.09 7.36 2.06
CA LYS A 42 6.80 7.07 3.30
C LYS A 42 7.60 5.76 3.18
N MET A 43 6.97 4.74 2.61
CA MET A 43 7.62 3.45 2.43
C MET A 43 8.90 3.60 1.60
N ASN A 44 8.96 4.64 0.78
CA ASN A 44 10.12 4.89 -0.06
C ASN A 44 11.39 4.91 0.77
N LYS A 45 11.27 5.31 2.03
CA LYS A 45 12.41 5.37 2.94
C LYS A 45 12.60 4.03 3.65
N ARG A 46 13.10 3.04 2.93
CA ARG A 46 13.33 1.72 3.49
C ARG A 46 14.23 1.80 4.72
N LEU A 47 13.93 1.01 5.73
CA LEU A 47 14.72 0.99 6.97
C LEU A 47 15.67 -0.20 6.99
N VAL A 48 16.48 -0.28 8.04
CA VAL A 48 17.44 -1.37 8.18
C VAL A 48 17.07 -2.27 9.36
N GLY A 1 20.15 -0.46 -10.37
CA GLY A 1 19.07 0.43 -10.73
C GLY A 1 18.34 0.95 -9.50
N ALA A 2 17.50 1.96 -9.69
CA ALA A 2 16.74 2.55 -8.60
C ALA A 2 15.24 2.43 -8.84
N MET A 3 14.83 2.61 -10.10
CA MET A 3 13.43 2.52 -10.48
C MET A 3 12.83 1.18 -10.04
N ALA A 4 11.83 1.24 -9.17
CA ALA A 4 11.17 0.03 -8.67
C ALA A 4 9.75 -0.07 -9.21
N HIS A 5 9.56 -0.95 -10.19
CA HIS A 5 8.24 -1.16 -10.79
C HIS A 5 7.56 -2.40 -10.21
N SER A 6 7.45 -2.44 -8.88
CA SER A 6 6.83 -3.56 -8.20
C SER A 6 5.36 -3.28 -7.93
N LYS A 7 5.06 -2.04 -7.58
CA LYS A 7 3.68 -1.64 -7.30
C LYS A 7 3.06 -2.54 -6.23
N TYR A 8 3.89 -2.98 -5.28
CA TYR A 8 3.43 -3.84 -4.20
C TYR A 8 2.67 -3.04 -3.15
N LYS A 9 3.31 -1.99 -2.65
CA LYS A 9 2.70 -1.13 -1.63
C LYS A 9 1.53 -0.36 -2.21
N THR A 10 1.45 -0.31 -3.54
CA THR A 10 0.38 0.41 -4.22
C THR A 10 -0.93 -0.34 -4.12
N TYR A 11 -0.87 -1.57 -3.61
CA TYR A 11 -2.07 -2.39 -3.46
C TYR A 11 -3.12 -1.67 -2.63
N MET A 12 -4.37 -1.72 -3.10
CA MET A 12 -5.48 -1.08 -2.41
C MET A 12 -6.58 -2.08 -2.08
N CYS A 13 -7.28 -1.84 -0.97
CA CYS A 13 -8.36 -2.73 -0.55
C CYS A 13 -9.72 -2.08 -0.78
N ARG A 14 -10.22 -2.20 -2.01
CA ARG A 14 -11.51 -1.64 -2.36
C ARG A 14 -12.65 -2.38 -1.67
N ASP A 15 -12.36 -3.60 -1.21
CA ASP A 15 -13.35 -4.41 -0.52
C ASP A 15 -13.85 -3.72 0.74
N MET A 16 -13.07 -2.76 1.22
CA MET A 16 -13.43 -2.02 2.44
C MET A 16 -14.80 -1.37 2.28
N LYS A 17 -15.20 -1.12 1.04
CA LYS A 17 -16.49 -0.50 0.77
C LYS A 17 -17.61 -1.26 1.47
N GLN A 18 -17.48 -2.58 1.56
CA GLN A 18 -18.49 -3.40 2.21
C GLN A 18 -17.97 -3.93 3.54
N ARG A 19 -18.83 -4.67 4.25
CA ARG A 19 -18.46 -5.23 5.55
C ARG A 19 -17.52 -6.41 5.37
N GLY A 20 -16.59 -6.57 6.32
CA GLY A 20 -15.64 -7.67 6.26
C GLY A 20 -14.28 -7.28 6.79
N GLY A 21 -13.66 -8.21 7.52
CA GLY A 21 -12.34 -7.93 8.08
C GLY A 21 -11.23 -8.63 7.33
N CYS A 22 -10.12 -7.93 7.13
CA CYS A 22 -8.97 -8.49 6.42
C CYS A 22 -7.68 -7.86 6.89
N PRO A 23 -6.57 -8.60 6.77
CA PRO A 23 -5.24 -8.14 7.18
C PRO A 23 -4.71 -7.04 6.27
N ARG A 24 -4.37 -5.90 6.87
CA ARG A 24 -3.85 -4.77 6.12
C ARG A 24 -2.41 -5.03 5.66
N GLY A 25 -1.56 -5.38 6.61
CA GLY A 25 -0.16 -5.66 6.29
C GLY A 25 -0.02 -6.80 5.30
N ALA A 26 -0.99 -7.70 5.29
CA ALA A 26 -0.96 -8.85 4.39
C ALA A 26 -0.68 -8.41 2.95
N SER A 27 -1.70 -7.86 2.30
CA SER A 27 -1.56 -7.40 0.91
C SER A 27 -1.84 -5.90 0.82
N CYS A 28 -2.72 -5.41 1.68
CA CYS A 28 -3.08 -4.00 1.68
C CYS A 28 -1.87 -3.13 2.04
N THR A 29 -0.81 -3.78 2.52
CA THR A 29 0.40 -3.07 2.90
C THR A 29 0.10 -1.89 3.80
N PHE A 30 -0.78 -2.12 4.78
CA PHE A 30 -1.16 -1.06 5.72
C PHE A 30 -1.76 0.14 4.98
N ALA A 31 -2.49 -0.15 3.89
CA ALA A 31 -3.12 0.90 3.11
C ALA A 31 -4.46 0.43 2.54
N HIS A 32 -5.54 0.84 3.18
CA HIS A 32 -6.88 0.46 2.74
C HIS A 32 -7.51 1.56 1.90
N SER A 33 -7.09 2.81 2.15
CA SER A 33 -7.61 3.96 1.43
C SER A 33 -6.53 4.60 0.56
N GLN A 34 -6.96 5.27 -0.49
CA GLN A 34 -6.03 5.94 -1.40
C GLN A 34 -5.15 6.93 -0.65
N GLU A 35 -5.73 7.58 0.36
CA GLU A 35 -5.01 8.56 1.15
C GLU A 35 -3.75 7.94 1.77
N GLU A 36 -3.88 6.72 2.27
CA GLU A 36 -2.76 6.02 2.88
C GLU A 36 -1.71 5.64 1.84
N LEU A 37 -2.17 5.40 0.62
CA LEU A 37 -1.27 5.04 -0.48
C LEU A 37 -0.16 6.07 -0.62
N GLU A 38 -0.45 7.31 -0.28
CA GLU A 38 0.53 8.39 -0.38
C GLU A 38 1.81 8.04 0.38
N LYS A 39 1.67 7.18 1.39
CA LYS A 39 2.81 6.75 2.19
C LYS A 39 3.87 6.08 1.32
N PHE A 40 3.46 5.65 0.13
CA PHE A 40 4.38 4.99 -0.79
C PHE A 40 5.62 5.85 -1.03
N ARG A 41 5.47 7.16 -0.89
CA ARG A 41 6.57 8.09 -1.09
C ARG A 41 7.57 8.00 0.07
N LYS A 42 7.06 7.77 1.27
CA LYS A 42 7.91 7.66 2.45
C LYS A 42 8.99 6.59 2.25
N MET A 43 8.65 5.56 1.48
CA MET A 43 9.59 4.48 1.21
C MET A 43 10.56 4.87 0.11
N ASN A 44 10.08 5.65 -0.86
CA ASN A 44 10.91 6.08 -1.97
C ASN A 44 12.19 6.73 -1.46
N LYS A 45 12.12 7.37 -0.31
CA LYS A 45 13.27 8.03 0.29
C LYS A 45 14.07 7.06 1.15
N ARG A 46 15.13 6.50 0.56
CA ARG A 46 15.98 5.55 1.28
C ARG A 46 17.40 6.09 1.43
N LEU A 47 18.03 5.79 2.56
CA LEU A 47 19.38 6.26 2.84
C LEU A 47 20.26 5.11 3.33
N VAL A 48 19.78 4.41 4.35
CA VAL A 48 20.53 3.29 4.92
C VAL A 48 20.47 2.07 3.99
N GLY A 1 17.91 1.90 -17.87
CA GLY A 1 16.63 2.48 -17.51
C GLY A 1 15.95 1.70 -16.39
N ALA A 2 16.41 1.90 -15.16
CA ALA A 2 15.84 1.22 -14.01
C ALA A 2 14.56 1.90 -13.55
N MET A 3 13.47 1.14 -13.53
CA MET A 3 12.18 1.67 -13.11
C MET A 3 11.97 1.47 -11.61
N ALA A 4 12.30 2.49 -10.82
CA ALA A 4 12.15 2.43 -9.38
C ALA A 4 10.71 2.68 -8.97
N HIS A 5 10.18 3.84 -9.37
CA HIS A 5 8.79 4.21 -9.04
C HIS A 5 7.82 3.12 -9.50
N SER A 6 6.70 3.01 -8.79
CA SER A 6 5.69 2.01 -9.13
C SER A 6 4.38 2.29 -8.40
N LYS A 7 3.30 1.70 -8.88
CA LYS A 7 1.99 1.89 -8.27
C LYS A 7 1.61 0.68 -7.41
N TYR A 8 2.61 0.05 -6.82
CA TYR A 8 2.38 -1.11 -5.97
C TYR A 8 1.81 -0.70 -4.62
N LYS A 9 2.61 0.02 -3.83
CA LYS A 9 2.18 0.48 -2.52
C LYS A 9 0.99 1.43 -2.63
N THR A 10 0.79 1.97 -3.83
CA THR A 10 -0.31 2.89 -4.08
C THR A 10 -1.65 2.15 -4.12
N TYR A 11 -1.59 0.84 -4.33
CA TYR A 11 -2.79 0.02 -4.41
C TYR A 11 -3.63 0.18 -3.13
N MET A 12 -4.93 0.36 -3.31
CA MET A 12 -5.83 0.53 -2.18
C MET A 12 -6.96 -0.49 -2.24
N CYS A 13 -7.47 -0.88 -1.08
CA CYS A 13 -8.54 -1.87 -1.00
C CYS A 13 -9.76 -1.27 -0.29
N ARG A 14 -10.38 -0.28 -0.93
CA ARG A 14 -11.55 0.37 -0.36
C ARG A 14 -12.76 -0.58 -0.36
N ASP A 15 -12.62 -1.70 -1.05
CA ASP A 15 -13.69 -2.69 -1.13
C ASP A 15 -13.97 -3.29 0.24
N MET A 16 -13.05 -3.09 1.17
CA MET A 16 -13.20 -3.62 2.53
C MET A 16 -14.50 -3.13 3.16
N LYS A 17 -14.98 -1.99 2.69
CA LYS A 17 -16.22 -1.42 3.21
C LYS A 17 -17.36 -2.42 3.12
N GLN A 18 -17.66 -2.87 1.89
CA GLN A 18 -18.73 -3.84 1.67
C GLN A 18 -18.37 -5.19 2.28
N ARG A 19 -17.31 -5.80 1.77
CA ARG A 19 -16.86 -7.10 2.26
C ARG A 19 -15.34 -7.22 2.16
N GLY A 20 -14.77 -8.11 2.97
CA GLY A 20 -13.33 -8.31 2.96
C GLY A 20 -12.95 -9.73 2.56
N GLY A 21 -11.99 -10.30 3.27
CA GLY A 21 -11.55 -11.65 2.97
C GLY A 21 -10.60 -11.70 1.79
N CYS A 22 -9.62 -10.81 1.79
CA CYS A 22 -8.65 -10.75 0.70
C CYS A 22 -7.24 -10.54 1.25
N PRO A 23 -6.23 -11.03 0.50
CA PRO A 23 -4.83 -10.90 0.90
C PRO A 23 -4.32 -9.47 0.81
N ARG A 24 -3.80 -8.97 1.92
CA ARG A 24 -3.28 -7.60 1.97
C ARG A 24 -1.96 -7.49 1.23
N GLY A 25 -1.02 -8.36 1.59
CA GLY A 25 0.28 -8.36 0.95
C GLY A 25 0.20 -8.61 -0.55
N ALA A 26 -0.85 -9.31 -0.97
CA ALA A 26 -1.04 -9.63 -2.38
C ALA A 26 -0.91 -8.38 -3.24
N SER A 27 -1.96 -7.55 -3.23
CA SER A 27 -1.97 -6.32 -4.01
C SER A 27 -2.13 -5.11 -3.11
N CYS A 28 -2.89 -5.27 -2.03
CA CYS A 28 -3.11 -4.19 -1.08
C CYS A 28 -1.80 -3.69 -0.49
N THR A 29 -0.75 -4.49 -0.65
CA THR A 29 0.57 -4.13 -0.13
C THR A 29 0.48 -3.72 1.33
N PHE A 30 -0.26 -4.50 2.12
CA PHE A 30 -0.42 -4.21 3.55
C PHE A 30 -1.01 -2.82 3.75
N ALA A 31 -1.89 -2.41 2.85
CA ALA A 31 -2.52 -1.09 2.94
C ALA A 31 -3.96 -1.15 2.46
N HIS A 32 -4.89 -1.33 3.38
CA HIS A 32 -6.31 -1.40 3.06
C HIS A 32 -6.97 -0.04 3.20
N SER A 33 -6.40 0.81 4.05
CA SER A 33 -6.93 2.15 4.28
C SER A 33 -5.93 3.21 3.85
N GLN A 34 -6.44 4.34 3.37
CA GLN A 34 -5.59 5.44 2.93
C GLN A 34 -4.57 5.82 4.01
N GLU A 35 -4.97 5.67 5.27
CA GLU A 35 -4.11 6.00 6.39
C GLU A 35 -2.81 5.20 6.31
N GLU A 36 -2.92 3.92 6.00
CA GLU A 36 -1.75 3.05 5.91
C GLU A 36 -0.96 3.35 4.63
N LEU A 37 -1.66 3.79 3.60
CA LEU A 37 -1.02 4.12 2.33
C LEU A 37 0.12 5.12 2.53
N GLU A 38 0.02 5.92 3.59
CA GLU A 38 1.04 6.91 3.89
C GLU A 38 2.42 6.26 3.99
N LYS A 39 2.44 4.97 4.33
CA LYS A 39 3.69 4.24 4.46
C LYS A 39 4.46 4.26 3.15
N PHE A 40 3.76 4.55 2.06
CA PHE A 40 4.39 4.60 0.73
C PHE A 40 5.62 5.51 0.75
N ARG A 41 5.61 6.49 1.64
CA ARG A 41 6.71 7.43 1.76
C ARG A 41 8.03 6.69 1.99
N LYS A 42 7.95 5.51 2.60
CA LYS A 42 9.13 4.70 2.88
C LYS A 42 9.73 4.16 1.59
N MET A 43 8.87 3.78 0.65
CA MET A 43 9.32 3.24 -0.63
C MET A 43 10.33 4.18 -1.28
N ASN A 44 9.96 5.46 -1.41
CA ASN A 44 10.83 6.44 -2.02
C ASN A 44 12.18 6.49 -1.32
N LYS A 45 12.16 6.33 0.00
CA LYS A 45 13.39 6.34 0.80
C LYS A 45 14.16 5.04 0.63
N ARG A 46 15.48 5.14 0.52
CA ARG A 46 16.32 3.97 0.36
C ARG A 46 17.10 3.67 1.64
N LEU A 47 16.42 3.85 2.78
CA LEU A 47 17.05 3.61 4.08
C LEU A 47 17.10 2.11 4.38
N VAL A 48 18.28 1.63 4.74
CA VAL A 48 18.48 0.22 5.07
C VAL A 48 18.61 0.01 6.57
N GLY A 1 12.36 13.25 -6.93
CA GLY A 1 13.02 12.91 -5.68
C GLY A 1 12.34 11.78 -4.95
N ALA A 2 11.29 12.10 -4.20
CA ALA A 2 10.54 11.11 -3.45
C ALA A 2 9.23 10.76 -4.15
N MET A 3 9.31 10.48 -5.44
CA MET A 3 8.13 10.14 -6.22
C MET A 3 8.31 8.80 -6.93
N ALA A 4 7.97 7.72 -6.23
CA ALA A 4 8.09 6.38 -6.79
C ALA A 4 7.27 6.23 -8.07
N HIS A 5 7.86 5.57 -9.08
CA HIS A 5 7.18 5.37 -10.34
C HIS A 5 6.16 4.24 -10.25
N SER A 6 6.51 3.20 -9.49
CA SER A 6 5.63 2.06 -9.32
C SER A 6 4.44 2.41 -8.44
N LYS A 7 3.35 1.67 -8.58
CA LYS A 7 2.14 1.90 -7.81
C LYS A 7 1.80 0.69 -6.95
N TYR A 8 2.82 -0.09 -6.60
CA TYR A 8 2.63 -1.29 -5.80
C TYR A 8 1.95 -0.94 -4.48
N LYS A 9 2.57 -0.05 -3.71
CA LYS A 9 2.01 0.37 -2.42
C LYS A 9 0.75 1.21 -2.62
N THR A 10 0.53 1.66 -3.84
CA THR A 10 -0.64 2.48 -4.16
C THR A 10 -1.90 1.62 -4.19
N TYR A 11 -1.72 0.31 -4.31
CA TYR A 11 -2.84 -0.61 -4.36
C TYR A 11 -3.74 -0.45 -3.13
N MET A 12 -5.05 -0.37 -3.36
CA MET A 12 -6.00 -0.20 -2.27
C MET A 12 -7.04 -1.32 -2.29
N CYS A 13 -7.55 -1.68 -1.12
CA CYS A 13 -8.55 -2.73 -1.00
C CYS A 13 -9.93 -2.14 -0.77
N ARG A 14 -10.51 -1.55 -1.81
CA ARG A 14 -11.83 -0.94 -1.71
C ARG A 14 -12.92 -2.02 -1.55
N ASP A 15 -12.61 -3.22 -2.03
CA ASP A 15 -13.56 -4.32 -1.94
C ASP A 15 -13.82 -4.71 -0.48
N MET A 16 -12.93 -4.25 0.41
CA MET A 16 -13.07 -4.54 1.83
C MET A 16 -14.42 -4.07 2.36
N LYS A 17 -14.99 -3.07 1.69
CA LYS A 17 -16.28 -2.53 2.08
C LYS A 17 -17.37 -3.59 2.03
N GLN A 18 -17.35 -4.39 0.97
CA GLN A 18 -18.33 -5.46 0.79
C GLN A 18 -17.66 -6.82 0.75
N ARG A 19 -16.49 -6.92 1.39
CA ARG A 19 -15.75 -8.17 1.42
C ARG A 19 -14.92 -8.26 2.69
N GLY A 20 -14.59 -9.49 3.09
CA GLY A 20 -13.79 -9.69 4.29
C GLY A 20 -12.90 -10.92 4.19
N GLY A 21 -11.68 -10.81 4.71
CA GLY A 21 -10.75 -11.92 4.68
C GLY A 21 -9.99 -11.98 3.36
N CYS A 22 -8.94 -11.17 3.25
CA CYS A 22 -8.13 -11.13 2.05
C CYS A 22 -6.66 -10.89 2.39
N PRO A 23 -5.76 -11.35 1.51
CA PRO A 23 -4.32 -11.19 1.70
C PRO A 23 -3.87 -9.74 1.54
N ARG A 24 -3.23 -9.21 2.58
CA ARG A 24 -2.75 -7.84 2.55
C ARG A 24 -1.49 -7.72 1.71
N GLY A 25 -0.65 -8.75 1.74
CA GLY A 25 0.58 -8.74 0.97
C GLY A 25 0.35 -9.05 -0.50
N ALA A 26 -0.72 -9.79 -0.78
CA ALA A 26 -1.04 -10.16 -2.15
C ALA A 26 -1.01 -8.94 -3.07
N SER A 27 -2.07 -8.13 -3.01
CA SER A 27 -2.16 -6.94 -3.85
C SER A 27 -2.28 -5.68 -2.98
N CYS A 28 -3.03 -5.80 -1.89
CA CYS A 28 -3.23 -4.68 -0.97
C CYS A 28 -1.90 -4.04 -0.60
N THR A 29 -0.82 -4.82 -0.70
CA THR A 29 0.51 -4.33 -0.37
C THR A 29 0.50 -3.59 0.96
N PHE A 30 -0.01 -4.24 2.00
CA PHE A 30 -0.07 -3.64 3.32
C PHE A 30 -0.73 -2.25 3.27
N ALA A 31 -1.85 -2.17 2.56
CA ALA A 31 -2.57 -0.91 2.43
C ALA A 31 -4.05 -1.16 2.16
N HIS A 32 -4.86 -1.03 3.20
CA HIS A 32 -6.31 -1.23 3.08
C HIS A 32 -7.06 0.10 3.16
N SER A 33 -6.42 1.09 3.78
CA SER A 33 -7.03 2.41 3.94
C SER A 33 -6.13 3.49 3.35
N GLN A 34 -6.74 4.61 2.97
CA GLN A 34 -5.99 5.73 2.40
C GLN A 34 -4.81 6.12 3.29
N GLU A 35 -5.05 6.13 4.60
CA GLU A 35 -4.01 6.48 5.56
C GLU A 35 -2.79 5.57 5.42
N GLU A 36 -3.05 4.27 5.32
CA GLU A 36 -1.98 3.28 5.17
C GLU A 36 -1.18 3.54 3.90
N LEU A 37 -1.86 4.07 2.88
CA LEU A 37 -1.22 4.37 1.61
C LEU A 37 0.02 5.24 1.80
N GLU A 38 -0.04 6.13 2.78
CA GLU A 38 1.07 7.03 3.08
C GLU A 38 2.36 6.25 3.30
N LYS A 39 2.21 4.99 3.74
CA LYS A 39 3.36 4.14 3.98
C LYS A 39 4.20 3.96 2.72
N PHE A 40 3.60 4.24 1.58
CA PHE A 40 4.29 4.13 0.30
C PHE A 40 5.61 4.90 0.32
N ARG A 41 5.66 5.94 1.14
CA ARG A 41 6.86 6.76 1.25
C ARG A 41 8.06 5.92 1.69
N LYS A 42 7.86 5.10 2.71
CA LYS A 42 8.92 4.24 3.23
C LYS A 42 9.34 3.21 2.17
N MET A 43 8.39 2.83 1.31
CA MET A 43 8.65 1.85 0.27
C MET A 43 9.66 2.40 -0.75
N ASN A 44 9.67 3.72 -0.89
CA ASN A 44 10.58 4.37 -1.84
C ASN A 44 12.02 3.91 -1.60
N LYS A 45 12.49 4.06 -0.37
CA LYS A 45 13.85 3.66 -0.02
C LYS A 45 13.91 2.16 0.27
N ARG A 46 14.94 1.51 -0.25
CA ARG A 46 15.11 0.07 -0.04
C ARG A 46 16.45 -0.23 0.65
N LEU A 47 16.39 -0.54 1.93
CA LEU A 47 17.59 -0.84 2.71
C LEU A 47 17.54 -2.25 3.27
N VAL A 48 18.71 -2.82 3.53
CA VAL A 48 18.79 -4.17 4.08
C VAL A 48 18.98 -4.15 5.60
N GLY A 1 16.14 3.13 -16.61
CA GLY A 1 15.66 3.12 -15.24
C GLY A 1 16.49 2.20 -14.34
N ALA A 2 17.23 2.80 -13.41
CA ALA A 2 18.05 2.03 -12.49
C ALA A 2 17.43 1.98 -11.10
N MET A 3 16.29 1.30 -10.99
CA MET A 3 15.59 1.18 -9.71
C MET A 3 14.82 -0.13 -9.65
N ALA A 4 14.49 -0.55 -8.43
CA ALA A 4 13.75 -1.79 -8.24
C ALA A 4 12.31 -1.65 -8.73
N HIS A 5 11.80 -2.71 -9.37
CA HIS A 5 10.44 -2.71 -9.88
C HIS A 5 9.51 -3.52 -8.98
N SER A 6 8.60 -2.84 -8.31
CA SER A 6 7.66 -3.49 -7.41
C SER A 6 6.36 -2.68 -7.29
N LYS A 7 5.24 -3.38 -7.21
CA LYS A 7 3.95 -2.72 -7.09
C LYS A 7 3.12 -3.38 -5.98
N TYR A 8 3.79 -3.98 -5.01
CA TYR A 8 3.11 -4.64 -3.90
C TYR A 8 2.61 -3.61 -2.89
N LYS A 9 3.32 -2.49 -2.80
CA LYS A 9 2.94 -1.43 -1.87
C LYS A 9 1.73 -0.65 -2.40
N THR A 10 1.42 -0.83 -3.68
CA THR A 10 0.29 -0.14 -4.29
C THR A 10 -1.00 -0.90 -4.03
N TYR A 11 -0.92 -1.98 -3.27
CA TYR A 11 -2.09 -2.79 -2.96
C TYR A 11 -3.19 -1.94 -2.32
N MET A 12 -4.44 -2.26 -2.64
CA MET A 12 -5.58 -1.53 -2.11
C MET A 12 -6.63 -2.48 -1.56
N CYS A 13 -7.36 -2.04 -0.53
CA CYS A 13 -8.40 -2.85 0.08
C CYS A 13 -9.78 -2.23 -0.12
N ARG A 14 -10.49 -2.69 -1.14
CA ARG A 14 -11.82 -2.18 -1.44
C ARG A 14 -12.76 -2.38 -0.25
N ASP A 15 -12.45 -3.37 0.57
CA ASP A 15 -13.27 -3.66 1.74
C ASP A 15 -13.35 -2.46 2.67
N MET A 16 -12.38 -1.57 2.55
CA MET A 16 -12.34 -0.36 3.38
C MET A 16 -13.62 0.44 3.22
N LYS A 17 -14.28 0.29 2.08
CA LYS A 17 -15.51 1.00 1.80
C LYS A 17 -16.53 0.78 2.91
N GLN A 18 -16.44 -0.36 3.58
CA GLN A 18 -17.35 -0.69 4.67
C GLN A 18 -16.59 -1.29 5.85
N ARG A 19 -17.34 -1.71 6.87
CA ARG A 19 -16.73 -2.29 8.06
C ARG A 19 -16.23 -3.70 7.78
N GLY A 20 -14.99 -3.98 8.20
CA GLY A 20 -14.41 -5.29 7.98
C GLY A 20 -13.19 -5.54 8.85
N GLY A 21 -12.71 -6.77 8.85
CA GLY A 21 -11.55 -7.12 9.65
C GLY A 21 -10.51 -7.89 8.87
N CYS A 22 -9.48 -7.18 8.39
CA CYS A 22 -8.41 -7.81 7.63
C CYS A 22 -7.06 -7.18 7.96
N PRO A 23 -5.99 -7.95 7.76
CA PRO A 23 -4.63 -7.49 8.04
C PRO A 23 -4.17 -6.43 7.03
N ARG A 24 -3.78 -5.26 7.54
CA ARG A 24 -3.32 -4.18 6.70
C ARG A 24 -1.90 -4.44 6.20
N GLY A 25 -1.08 -5.04 7.05
CA GLY A 25 0.29 -5.34 6.68
C GLY A 25 0.41 -6.56 5.78
N ALA A 26 -0.57 -7.45 5.89
CA ALA A 26 -0.57 -8.67 5.07
C ALA A 26 -0.35 -8.34 3.60
N SER A 27 -1.39 -7.86 2.94
CA SER A 27 -1.31 -7.51 1.52
C SER A 27 -1.61 -6.03 1.31
N CYS A 28 -2.56 -5.51 2.06
CA CYS A 28 -2.95 -4.11 1.96
C CYS A 28 -1.72 -3.20 2.09
N THR A 29 -0.66 -3.73 2.66
CA THR A 29 0.57 -2.97 2.85
C THR A 29 0.28 -1.60 3.43
N PHE A 30 -0.35 -1.57 4.60
CA PHE A 30 -0.69 -0.32 5.26
C PHE A 30 -1.40 0.64 4.31
N ALA A 31 -2.14 0.07 3.36
CA ALA A 31 -2.87 0.86 2.39
C ALA A 31 -4.30 0.33 2.19
N HIS A 32 -5.27 1.07 2.71
CA HIS A 32 -6.67 0.67 2.60
C HIS A 32 -7.46 1.68 1.76
N SER A 33 -6.93 2.90 1.67
CA SER A 33 -7.59 3.95 0.90
C SER A 33 -6.59 4.66 -0.01
N GLN A 34 -7.11 5.28 -1.06
CA GLN A 34 -6.27 6.00 -2.02
C GLN A 34 -5.35 6.99 -1.31
N GLU A 35 -5.81 7.49 -0.17
CA GLU A 35 -5.04 8.46 0.62
C GLU A 35 -3.83 7.79 1.24
N GLU A 36 -3.99 6.55 1.68
CA GLU A 36 -2.90 5.81 2.30
C GLU A 36 -1.87 5.38 1.26
N LEU A 37 -2.34 5.16 0.03
CA LEU A 37 -1.45 4.75 -1.05
C LEU A 37 -0.29 5.72 -1.21
N GLU A 38 -0.54 6.99 -0.89
CA GLU A 38 0.48 8.01 -1.00
C GLU A 38 1.73 7.62 -0.21
N LYS A 39 1.55 6.79 0.81
CA LYS A 39 2.67 6.33 1.64
C LYS A 39 3.70 5.61 0.78
N PHE A 40 3.30 5.16 -0.40
CA PHE A 40 4.19 4.46 -1.30
C PHE A 40 5.48 5.26 -1.54
N ARG A 41 5.36 6.58 -1.42
CA ARG A 41 6.51 7.46 -1.62
C ARG A 41 7.62 7.14 -0.63
N LYS A 42 7.24 6.69 0.56
CA LYS A 42 8.20 6.35 1.60
C LYS A 42 9.24 5.38 1.07
N MET A 43 8.85 4.53 0.13
CA MET A 43 9.75 3.55 -0.46
C MET A 43 10.58 4.18 -1.57
N ASN A 44 9.99 5.15 -2.27
CA ASN A 44 10.68 5.83 -3.36
C ASN A 44 11.77 6.75 -2.82
N LYS A 45 11.41 7.58 -1.84
CA LYS A 45 12.35 8.52 -1.25
C LYS A 45 13.40 7.77 -0.43
N ARG A 46 13.00 6.67 0.19
CA ARG A 46 13.90 5.86 1.00
C ARG A 46 14.41 6.66 2.20
N LEU A 47 13.48 7.25 2.95
CA LEU A 47 13.83 8.04 4.12
C LEU A 47 14.22 7.14 5.28
N VAL A 48 15.53 7.02 5.52
CA VAL A 48 16.03 6.19 6.60
C VAL A 48 17.10 6.91 7.40
N GLY A 1 21.52 -4.24 -2.74
CA GLY A 1 21.81 -3.70 -1.42
C GLY A 1 20.56 -3.52 -0.58
N ALA A 2 19.88 -4.62 -0.29
CA ALA A 2 18.66 -4.58 0.51
C ALA A 2 17.57 -3.77 -0.18
N MET A 3 17.65 -3.69 -1.51
CA MET A 3 16.68 -2.95 -2.29
C MET A 3 15.46 -3.81 -2.61
N ALA A 4 14.33 -3.48 -2.01
CA ALA A 4 13.10 -4.22 -2.24
C ALA A 4 12.28 -3.61 -3.37
N HIS A 5 12.20 -4.32 -4.49
CA HIS A 5 11.46 -3.85 -5.65
C HIS A 5 10.07 -4.49 -5.69
N SER A 6 9.10 -3.83 -5.07
CA SER A 6 7.73 -4.33 -5.04
C SER A 6 6.73 -3.19 -4.86
N LYS A 7 5.44 -3.51 -4.99
CA LYS A 7 4.39 -2.51 -4.83
C LYS A 7 3.37 -2.96 -3.80
N TYR A 8 3.86 -3.36 -2.62
CA TYR A 8 2.97 -3.82 -1.56
C TYR A 8 2.25 -2.65 -0.90
N LYS A 9 2.97 -1.54 -0.72
CA LYS A 9 2.39 -0.35 -0.11
C LYS A 9 1.35 0.28 -1.04
N THR A 10 1.36 -0.14 -2.30
CA THR A 10 0.42 0.40 -3.28
C THR A 10 -0.80 -0.51 -3.42
N TYR A 11 -1.12 -1.21 -2.34
CA TYR A 11 -2.27 -2.11 -2.33
C TYR A 11 -3.57 -1.33 -2.07
N MET A 12 -4.59 -1.62 -2.88
CA MET A 12 -5.87 -0.96 -2.73
C MET A 12 -6.94 -1.94 -2.24
N CYS A 13 -7.82 -1.45 -1.36
CA CYS A 13 -8.88 -2.28 -0.80
C CYS A 13 -10.24 -1.87 -1.36
N ARG A 14 -10.65 -2.53 -2.45
CA ARG A 14 -11.93 -2.24 -3.08
C ARG A 14 -13.09 -2.67 -2.18
N ASP A 15 -12.78 -3.43 -1.14
CA ASP A 15 -13.80 -3.91 -0.22
C ASP A 15 -14.43 -2.74 0.53
N MET A 16 -13.79 -1.58 0.47
CA MET A 16 -14.29 -0.39 1.14
C MET A 16 -15.69 -0.04 0.67
N LYS A 17 -16.05 -0.53 -0.51
CA LYS A 17 -17.37 -0.28 -1.09
C LYS A 17 -18.46 -0.93 -0.25
N GLN A 18 -18.32 -2.22 0.01
CA GLN A 18 -19.30 -2.95 0.81
C GLN A 18 -18.97 -2.86 2.29
N ARG A 19 -19.97 -3.10 3.13
CA ARG A 19 -19.78 -3.03 4.58
C ARG A 19 -19.00 -4.25 5.08
N GLY A 20 -17.84 -3.99 5.69
CA GLY A 20 -17.03 -5.07 6.20
C GLY A 20 -15.78 -4.56 6.89
N GLY A 21 -15.36 -5.26 7.94
CA GLY A 21 -14.17 -4.87 8.68
C GLY A 21 -12.96 -5.69 8.31
N CYS A 22 -11.96 -5.03 7.71
CA CYS A 22 -10.73 -5.71 7.31
C CYS A 22 -9.51 -4.99 7.85
N PRO A 23 -8.41 -5.73 8.02
CA PRO A 23 -7.15 -5.17 8.53
C PRO A 23 -6.48 -4.26 7.52
N ARG A 24 -6.23 -3.02 7.93
CA ARG A 24 -5.59 -2.03 7.05
C ARG A 24 -4.09 -2.30 6.93
N GLY A 25 -3.49 -2.74 8.03
CA GLY A 25 -2.07 -3.03 8.04
C GLY A 25 -1.74 -4.35 7.38
N ALA A 26 -2.70 -5.26 7.38
CA ALA A 26 -2.51 -6.58 6.78
C ALA A 26 -1.94 -6.46 5.37
N SER A 27 -2.81 -6.13 4.42
CA SER A 27 -2.39 -5.98 3.02
C SER A 27 -2.67 -4.57 2.51
N CYS A 28 -3.77 -3.99 2.99
CA CYS A 28 -4.16 -2.64 2.58
C CYS A 28 -3.01 -1.66 2.83
N THR A 29 -2.08 -2.04 3.70
CA THR A 29 -0.95 -1.18 4.03
C THR A 29 -1.40 0.23 4.35
N PHE A 30 -2.36 0.35 5.25
CA PHE A 30 -2.88 1.65 5.65
C PHE A 30 -3.30 2.47 4.42
N ALA A 31 -3.80 1.78 3.41
CA ALA A 31 -4.23 2.45 2.18
C ALA A 31 -5.52 1.81 1.64
N HIS A 32 -6.65 2.46 1.89
CA HIS A 32 -7.94 1.96 1.43
C HIS A 32 -8.44 2.78 0.25
N SER A 33 -7.94 4.01 0.12
CA SER A 33 -8.35 4.89 -0.96
C SER A 33 -7.14 5.37 -1.76
N GLN A 34 -7.36 5.72 -3.02
CA GLN A 34 -6.29 6.20 -3.88
C GLN A 34 -5.53 7.35 -3.22
N GLU A 35 -6.26 8.18 -2.48
CA GLU A 35 -5.66 9.33 -1.80
C GLU A 35 -4.54 8.87 -0.87
N GLU A 36 -4.81 7.81 -0.10
CA GLU A 36 -3.83 7.27 0.83
C GLU A 36 -2.70 6.57 0.09
N LEU A 37 -3.03 5.99 -1.05
CA LEU A 37 -2.04 5.28 -1.87
C LEU A 37 -0.85 6.17 -2.19
N GLU A 38 -1.08 7.48 -2.19
CA GLU A 38 -0.03 8.45 -2.49
C GLU A 38 1.17 8.23 -1.57
N LYS A 39 0.92 7.67 -0.40
CA LYS A 39 1.99 7.41 0.57
C LYS A 39 3.05 6.49 -0.03
N PHE A 40 2.68 5.77 -1.09
CA PHE A 40 3.60 4.87 -1.75
C PHE A 40 4.91 5.57 -2.10
N ARG A 41 4.83 6.88 -2.31
CA ARG A 41 6.01 7.67 -2.67
C ARG A 41 6.96 7.78 -1.47
N LYS A 42 6.40 7.87 -0.28
CA LYS A 42 7.20 7.97 0.94
C LYS A 42 8.10 6.76 1.10
N MET A 43 7.70 5.64 0.51
CA MET A 43 8.48 4.41 0.59
C MET A 43 9.65 4.46 -0.39
N ASN A 44 9.46 5.13 -1.52
CA ASN A 44 10.50 5.24 -2.53
C ASN A 44 11.81 5.75 -1.91
N LYS A 45 11.69 6.55 -0.87
CA LYS A 45 12.85 7.10 -0.18
C LYS A 45 13.06 6.44 1.17
N ARG A 46 13.24 5.11 1.15
CA ARG A 46 13.45 4.36 2.38
C ARG A 46 14.93 4.31 2.74
N LEU A 47 15.33 5.15 3.70
CA LEU A 47 16.72 5.20 4.14
C LEU A 47 16.92 4.37 5.40
N VAL A 48 18.08 3.74 5.51
CA VAL A 48 18.40 2.93 6.67
C VAL A 48 19.91 2.82 6.87
N GLY A 1 17.27 6.58 -12.90
CA GLY A 1 17.22 5.14 -13.02
C GLY A 1 16.11 4.51 -12.21
N ALA A 2 15.61 3.37 -12.67
CA ALA A 2 14.53 2.68 -11.96
C ALA A 2 15.08 1.76 -10.89
N MET A 3 14.52 1.86 -9.68
CA MET A 3 14.96 1.04 -8.56
C MET A 3 14.23 -0.30 -8.57
N ALA A 4 12.91 -0.25 -8.51
CA ALA A 4 12.10 -1.47 -8.51
C ALA A 4 10.86 -1.32 -9.39
N HIS A 5 10.36 -2.43 -9.90
CA HIS A 5 9.18 -2.42 -10.76
C HIS A 5 7.96 -2.97 -10.02
N SER A 6 8.21 -3.93 -9.14
CA SER A 6 7.12 -4.55 -8.38
C SER A 6 6.29 -3.49 -7.67
N LYS A 7 4.98 -3.51 -7.91
CA LYS A 7 4.07 -2.54 -7.29
C LYS A 7 3.17 -3.23 -6.28
N TYR A 8 3.77 -3.91 -5.32
CA TYR A 8 3.01 -4.61 -4.28
C TYR A 8 2.39 -3.63 -3.31
N LYS A 9 3.18 -2.66 -2.85
CA LYS A 9 2.71 -1.65 -1.91
C LYS A 9 1.65 -0.77 -2.56
N THR A 10 1.56 -0.82 -3.89
CA THR A 10 0.60 -0.03 -4.62
C THR A 10 -0.82 -0.58 -4.45
N TYR A 11 -0.91 -1.84 -4.08
CA TYR A 11 -2.20 -2.49 -3.88
C TYR A 11 -3.05 -1.74 -2.87
N MET A 12 -4.29 -1.45 -3.25
CA MET A 12 -5.20 -0.72 -2.37
C MET A 12 -6.47 -1.53 -2.10
N CYS A 13 -7.06 -1.35 -0.93
CA CYS A 13 -8.27 -2.06 -0.56
C CYS A 13 -9.44 -1.10 -0.40
N ARG A 14 -9.94 -0.60 -1.53
CA ARG A 14 -11.06 0.34 -1.51
C ARG A 14 -12.35 -0.37 -1.08
N ASP A 15 -12.31 -1.70 -1.03
CA ASP A 15 -13.46 -2.49 -0.63
C ASP A 15 -13.82 -2.23 0.84
N MET A 16 -12.91 -1.59 1.56
CA MET A 16 -13.13 -1.29 2.96
C MET A 16 -14.41 -0.47 3.15
N LYS A 17 -14.80 0.24 2.10
CA LYS A 17 -16.00 1.07 2.14
C LYS A 17 -17.20 0.26 2.63
N GLN A 18 -17.37 -0.94 2.09
CA GLN A 18 -18.46 -1.81 2.47
C GLN A 18 -18.06 -2.73 3.62
N ARG A 19 -19.04 -3.40 4.21
CA ARG A 19 -18.79 -4.31 5.31
C ARG A 19 -17.91 -5.48 4.87
N GLY A 20 -17.03 -5.92 5.75
CA GLY A 20 -16.14 -7.02 5.43
C GLY A 20 -14.80 -6.92 6.11
N GLY A 21 -14.14 -8.05 6.32
CA GLY A 21 -12.85 -8.06 6.97
C GLY A 21 -11.79 -8.79 6.18
N CYS A 22 -10.60 -8.22 6.08
CA CYS A 22 -9.51 -8.83 5.34
C CYS A 22 -8.15 -8.35 5.87
N PRO A 23 -7.12 -9.17 5.69
CA PRO A 23 -5.76 -8.85 6.12
C PRO A 23 -5.13 -7.73 5.31
N ARG A 24 -4.71 -6.68 6.01
CA ARG A 24 -4.09 -5.52 5.34
C ARG A 24 -2.67 -5.87 4.88
N GLY A 25 -1.90 -6.46 5.78
CA GLY A 25 -0.53 -6.81 5.46
C GLY A 25 -0.45 -7.89 4.40
N ALA A 26 -1.50 -8.70 4.30
CA ALA A 26 -1.55 -9.79 3.32
C ALA A 26 -1.19 -9.28 1.93
N SER A 27 -2.14 -8.61 1.28
CA SER A 27 -1.93 -8.08 -0.05
C SER A 27 -2.12 -6.56 -0.07
N CYS A 28 -3.03 -6.08 0.76
CA CYS A 28 -3.31 -4.65 0.85
C CYS A 28 -2.05 -3.87 1.22
N THR A 29 -1.05 -4.59 1.72
CA THR A 29 0.21 -3.96 2.12
C THR A 29 -0.04 -2.76 3.02
N PHE A 30 -0.90 -2.94 4.01
CA PHE A 30 -1.23 -1.87 4.94
C PHE A 30 -1.67 -0.62 4.22
N ALA A 31 -2.32 -0.81 3.06
CA ALA A 31 -2.80 0.31 2.26
C ALA A 31 -4.32 0.24 2.08
N HIS A 32 -5.04 0.23 3.19
CA HIS A 32 -6.50 0.16 3.15
C HIS A 32 -7.09 1.55 2.94
N SER A 33 -6.26 2.57 3.04
CA SER A 33 -6.71 3.95 2.86
C SER A 33 -5.89 4.66 1.79
N GLN A 34 -6.27 5.89 1.48
CA GLN A 34 -5.57 6.68 0.47
C GLN A 34 -4.26 7.22 1.01
N GLU A 35 -4.32 7.82 2.20
CA GLU A 35 -3.13 8.39 2.83
C GLU A 35 -2.08 7.31 3.08
N GLU A 36 -2.54 6.09 3.34
CA GLU A 36 -1.63 4.98 3.59
C GLU A 36 -0.77 4.68 2.36
N LEU A 37 -1.32 4.95 1.18
CA LEU A 37 -0.60 4.73 -0.06
C LEU A 37 0.54 5.71 -0.23
N GLU A 38 0.38 6.90 0.33
CA GLU A 38 1.41 7.93 0.26
C GLU A 38 2.74 7.41 0.78
N LYS A 39 2.69 6.42 1.66
CA LYS A 39 3.89 5.83 2.23
C LYS A 39 4.79 5.26 1.14
N PHE A 40 4.19 5.02 -0.03
CA PHE A 40 4.94 4.47 -1.16
C PHE A 40 6.19 5.28 -1.44
N ARG A 41 6.14 6.57 -1.09
CA ARG A 41 7.27 7.46 -1.30
C ARG A 41 8.51 6.95 -0.59
N LYS A 42 8.30 6.30 0.55
CA LYS A 42 9.41 5.76 1.34
C LYS A 42 10.29 4.84 0.48
N MET A 43 9.66 3.91 -0.21
CA MET A 43 10.38 2.96 -1.05
C MET A 43 11.12 3.71 -2.17
N ASN A 44 10.48 4.73 -2.72
CA ASN A 44 11.08 5.52 -3.79
C ASN A 44 12.33 6.25 -3.30
N LYS A 45 12.16 7.09 -2.29
CA LYS A 45 13.27 7.85 -1.73
C LYS A 45 13.37 7.64 -0.22
N ARG A 46 14.40 6.92 0.21
CA ARG A 46 14.60 6.65 1.63
C ARG A 46 15.03 7.92 2.37
N LEU A 47 14.05 8.65 2.89
CA LEU A 47 14.31 9.88 3.61
C LEU A 47 15.30 9.63 4.76
N VAL A 48 15.85 10.71 5.29
CA VAL A 48 16.81 10.62 6.40
C VAL A 48 16.19 9.89 7.59
N GLY A 1 21.39 3.05 -12.30
CA GLY A 1 20.13 3.74 -12.15
C GLY A 1 19.03 2.85 -11.61
N ALA A 2 18.88 2.83 -10.28
CA ALA A 2 17.87 2.01 -9.64
C ALA A 2 16.47 2.48 -10.01
N MET A 3 15.52 1.55 -10.01
CA MET A 3 14.13 1.88 -10.33
C MET A 3 13.21 1.62 -9.14
N ALA A 4 13.60 0.67 -8.30
CA ALA A 4 12.81 0.34 -7.12
C ALA A 4 11.36 0.04 -7.50
N HIS A 5 11.18 -0.79 -8.52
CA HIS A 5 9.84 -1.16 -8.98
C HIS A 5 9.28 -2.31 -8.14
N SER A 6 8.26 -2.00 -7.35
CA SER A 6 7.62 -3.01 -6.51
C SER A 6 6.11 -2.81 -6.47
N LYS A 7 5.39 -3.87 -6.10
CA LYS A 7 3.94 -3.83 -6.02
C LYS A 7 3.45 -4.19 -4.62
N TYR A 8 4.32 -4.00 -3.63
CA TYR A 8 3.99 -4.31 -2.25
C TYR A 8 3.10 -3.23 -1.64
N LYS A 9 3.68 -2.07 -1.38
CA LYS A 9 2.95 -0.95 -0.80
C LYS A 9 1.88 -0.44 -1.78
N THR A 10 2.00 -0.84 -3.04
CA THR A 10 1.06 -0.43 -4.07
C THR A 10 -0.28 -1.14 -3.90
N TYR A 11 -0.27 -2.27 -3.20
CA TYR A 11 -1.48 -3.04 -2.98
C TYR A 11 -2.56 -2.19 -2.32
N MET A 12 -3.81 -2.54 -2.56
CA MET A 12 -4.93 -1.80 -1.99
C MET A 12 -6.12 -2.73 -1.72
N CYS A 13 -6.90 -2.41 -0.69
CA CYS A 13 -8.06 -3.22 -0.34
C CYS A 13 -9.36 -2.48 -0.67
N ARG A 14 -9.97 -2.84 -1.78
CA ARG A 14 -11.22 -2.21 -2.20
C ARG A 14 -12.36 -2.59 -1.26
N ASP A 15 -12.21 -3.71 -0.57
CA ASP A 15 -13.23 -4.17 0.37
C ASP A 15 -13.52 -3.12 1.43
N MET A 16 -12.55 -2.23 1.65
CA MET A 16 -12.71 -1.17 2.64
C MET A 16 -13.94 -0.31 2.34
N LYS A 17 -14.34 -0.30 1.07
CA LYS A 17 -15.50 0.47 0.65
C LYS A 17 -16.71 0.14 1.52
N GLN A 18 -16.77 -1.08 2.02
CA GLN A 18 -17.87 -1.52 2.87
C GLN A 18 -17.35 -2.30 4.08
N ARG A 19 -18.27 -2.79 4.89
CA ARG A 19 -17.92 -3.55 6.08
C ARG A 19 -17.08 -4.77 5.71
N GLY A 20 -15.99 -4.97 6.45
CA GLY A 20 -15.12 -6.10 6.20
C GLY A 20 -14.06 -6.28 7.25
N GLY A 21 -13.54 -7.50 7.38
CA GLY A 21 -12.51 -7.77 8.37
C GLY A 21 -11.35 -8.55 7.81
N CYS A 22 -10.27 -7.85 7.48
CA CYS A 22 -9.08 -8.48 6.92
C CYS A 22 -7.80 -7.79 7.41
N PRO A 23 -6.70 -8.54 7.44
CA PRO A 23 -5.40 -8.01 7.88
C PRO A 23 -4.82 -7.01 6.88
N ARG A 24 -4.53 -5.80 7.37
CA ARG A 24 -3.96 -4.75 6.53
C ARG A 24 -2.50 -5.03 6.21
N GLY A 25 -1.73 -5.37 7.25
CA GLY A 25 -0.32 -5.65 7.07
C GLY A 25 -0.09 -6.90 6.25
N ALA A 26 -1.05 -7.81 6.27
CA ALA A 26 -0.94 -9.06 5.53
C ALA A 26 -0.54 -8.80 4.08
N SER A 27 -1.50 -8.37 3.27
CA SER A 27 -1.23 -8.09 1.86
C SER A 27 -1.54 -6.63 1.53
N CYS A 28 -2.55 -6.08 2.20
CA CYS A 28 -2.96 -4.69 1.97
C CYS A 28 -1.79 -3.74 2.25
N THR A 29 -0.77 -4.25 2.95
CA THR A 29 0.40 -3.45 3.28
C THR A 29 -0.01 -2.12 3.90
N PHE A 30 -0.94 -2.17 4.85
CA PHE A 30 -1.42 -0.97 5.52
C PHE A 30 -1.92 0.06 4.51
N ALA A 31 -2.59 -0.42 3.47
CA ALA A 31 -3.13 0.46 2.43
C ALA A 31 -4.61 0.15 2.17
N HIS A 32 -5.46 0.54 3.11
CA HIS A 32 -6.89 0.31 2.97
C HIS A 32 -7.61 1.58 2.49
N SER A 33 -6.86 2.67 2.41
CA SER A 33 -7.41 3.94 1.96
C SER A 33 -6.55 4.57 0.86
N GLN A 34 -7.21 5.21 -0.10
CA GLN A 34 -6.50 5.84 -1.21
C GLN A 34 -5.41 6.78 -0.69
N GLU A 35 -5.70 7.46 0.41
CA GLU A 35 -4.74 8.40 1.02
C GLU A 35 -3.50 7.66 1.50
N GLU A 36 -3.69 6.41 1.92
CA GLU A 36 -2.58 5.60 2.42
C GLU A 36 -1.60 5.27 1.30
N LEU A 37 -2.12 5.16 0.07
CA LEU A 37 -1.29 4.85 -1.09
C LEU A 37 -0.42 6.03 -1.46
N GLU A 38 -0.86 7.23 -1.11
CA GLU A 38 -0.11 8.45 -1.41
C GLU A 38 1.31 8.36 -0.88
N LYS A 39 1.50 7.55 0.16
CA LYS A 39 2.81 7.38 0.77
C LYS A 39 3.81 6.84 -0.25
N PHE A 40 3.30 6.27 -1.33
CA PHE A 40 4.15 5.72 -2.38
C PHE A 40 5.16 6.75 -2.86
N ARG A 41 4.80 8.03 -2.73
CA ARG A 41 5.68 9.11 -3.15
C ARG A 41 6.90 9.21 -2.25
N LYS A 42 6.70 8.99 -0.95
CA LYS A 42 7.77 9.05 0.02
C LYS A 42 8.59 7.76 0.00
N MET A 43 7.98 6.68 -0.48
CA MET A 43 8.66 5.40 -0.55
C MET A 43 10.00 5.53 -1.28
N ASN A 44 10.07 6.48 -2.20
CA ASN A 44 11.29 6.70 -2.97
C ASN A 44 12.49 6.85 -2.05
N LYS A 45 12.26 7.36 -0.84
CA LYS A 45 13.33 7.54 0.14
C LYS A 45 13.15 6.59 1.31
N ARG A 46 14.26 6.00 1.75
CA ARG A 46 14.23 5.07 2.88
C ARG A 46 15.58 5.03 3.60
N LEU A 47 15.56 4.69 4.87
CA LEU A 47 16.79 4.62 5.66
C LEU A 47 16.98 3.21 6.23
N VAL A 48 16.16 2.85 7.21
CA VAL A 48 16.24 1.54 7.84
C VAL A 48 16.03 0.42 6.81
N GLY A 1 17.02 -5.93 -18.65
CA GLY A 1 17.80 -5.30 -17.60
C GLY A 1 17.25 -5.59 -16.22
N ALA A 2 17.96 -5.12 -15.19
CA ALA A 2 17.54 -5.34 -13.82
C ALA A 2 16.85 -4.10 -13.26
N MET A 3 15.70 -4.29 -12.62
CA MET A 3 14.95 -3.19 -12.04
C MET A 3 13.97 -3.70 -10.99
N ALA A 4 13.51 -2.79 -10.12
CA ALA A 4 12.56 -3.15 -9.07
C ALA A 4 11.14 -2.79 -9.47
N HIS A 5 10.18 -3.20 -8.65
CA HIS A 5 8.77 -2.92 -8.91
C HIS A 5 8.11 -2.27 -7.70
N SER A 6 7.43 -1.15 -7.92
CA SER A 6 6.75 -0.43 -6.86
C SER A 6 5.26 -0.73 -6.87
N LYS A 7 4.91 -2.00 -6.71
CA LYS A 7 3.51 -2.42 -6.70
C LYS A 7 3.07 -2.78 -5.28
N TYR A 8 3.97 -3.40 -4.53
CA TYR A 8 3.67 -3.80 -3.16
C TYR A 8 3.16 -2.62 -2.34
N LYS A 9 3.85 -1.48 -2.46
CA LYS A 9 3.46 -0.28 -1.74
C LYS A 9 2.16 0.30 -2.29
N THR A 10 1.76 -0.17 -3.47
CA THR A 10 0.54 0.30 -4.10
C THR A 10 -0.66 -0.56 -3.69
N TYR A 11 -0.47 -1.36 -2.65
CA TYR A 11 -1.53 -2.23 -2.16
C TYR A 11 -2.72 -1.41 -1.65
N MET A 12 -3.91 -2.00 -1.71
CA MET A 12 -5.11 -1.32 -1.26
C MET A 12 -5.99 -2.28 -0.43
N CYS A 13 -6.50 -1.78 0.69
CA CYS A 13 -7.35 -2.58 1.56
C CYS A 13 -8.65 -1.85 1.87
N ARG A 14 -9.44 -1.58 0.82
CA ARG A 14 -10.71 -0.89 0.98
C ARG A 14 -11.73 -1.78 1.69
N ASP A 15 -11.39 -3.06 1.83
CA ASP A 15 -12.27 -4.01 2.48
C ASP A 15 -12.53 -3.62 3.93
N MET A 16 -11.66 -2.75 4.46
CA MET A 16 -11.80 -2.29 5.84
C MET A 16 -13.17 -1.67 6.08
N LYS A 17 -13.79 -1.19 5.01
CA LYS A 17 -15.11 -0.57 5.11
C LYS A 17 -16.09 -1.50 5.83
N GLN A 18 -15.88 -2.80 5.67
CA GLN A 18 -16.75 -3.79 6.30
C GLN A 18 -16.09 -4.39 7.53
N ARG A 19 -16.87 -5.06 8.36
CA ARG A 19 -16.36 -5.68 9.57
C ARG A 19 -15.16 -6.58 9.26
N GLY A 20 -14.08 -6.42 10.02
CA GLY A 20 -12.90 -7.23 9.80
C GLY A 20 -11.62 -6.47 10.15
N GLY A 21 -10.66 -7.19 10.72
CA GLY A 21 -9.40 -6.57 11.09
C GLY A 21 -8.21 -7.26 10.46
N CYS A 22 -7.26 -6.47 9.97
CA CYS A 22 -6.06 -7.01 9.34
C CYS A 22 -4.89 -6.05 9.48
N PRO A 23 -3.66 -6.61 9.44
CA PRO A 23 -2.44 -5.81 9.56
C PRO A 23 -2.18 -4.94 8.34
N ARG A 24 -2.05 -3.63 8.57
CA ARG A 24 -1.80 -2.70 7.48
C ARG A 24 -0.37 -2.81 6.98
N GLY A 25 0.58 -2.80 7.90
CA GLY A 25 1.98 -2.91 7.54
C GLY A 25 2.32 -4.24 6.91
N ALA A 26 1.54 -5.27 7.24
CA ALA A 26 1.77 -6.61 6.70
C ALA A 26 1.91 -6.57 5.18
N SER A 27 0.80 -6.44 4.48
CA SER A 27 0.80 -6.39 3.03
C SER A 27 0.20 -5.08 2.52
N CYS A 28 -0.79 -4.58 3.25
CA CYS A 28 -1.45 -3.33 2.88
C CYS A 28 -0.45 -2.19 2.80
N THR A 29 0.73 -2.40 3.38
CA THR A 29 1.77 -1.39 3.38
C THR A 29 1.23 -0.04 3.84
N PHE A 30 0.48 -0.06 4.94
CA PHE A 30 -0.10 1.17 5.49
C PHE A 30 -0.92 1.91 4.43
N ALA A 31 -1.53 1.15 3.53
CA ALA A 31 -2.34 1.74 2.46
C ALA A 31 -3.77 1.24 2.53
N HIS A 32 -4.42 1.45 3.67
CA HIS A 32 -5.80 1.01 3.86
C HIS A 32 -6.77 2.05 3.29
N SER A 33 -6.24 3.21 2.93
CA SER A 33 -7.06 4.28 2.37
C SER A 33 -6.49 4.78 1.05
N GLN A 34 -7.37 5.17 0.13
CA GLN A 34 -6.94 5.67 -1.17
C GLN A 34 -5.91 6.78 -1.02
N GLU A 35 -6.08 7.61 0.01
CA GLU A 35 -5.17 8.71 0.26
C GLU A 35 -3.87 8.21 0.89
N GLU A 36 -3.98 7.14 1.66
CA GLU A 36 -2.82 6.55 2.32
C GLU A 36 -1.80 6.04 1.30
N LEU A 37 -2.31 5.60 0.16
CA LEU A 37 -1.45 5.08 -0.90
C LEU A 37 -0.41 6.11 -1.31
N GLU A 38 -0.78 7.38 -1.24
CA GLU A 38 0.13 8.47 -1.60
C GLU A 38 1.44 8.35 -0.83
N LYS A 39 1.38 7.74 0.35
CA LYS A 39 2.56 7.57 1.18
C LYS A 39 3.64 6.79 0.44
N PHE A 40 3.24 6.08 -0.61
CA PHE A 40 4.18 5.29 -1.41
C PHE A 40 5.36 6.15 -1.87
N ARG A 41 5.11 7.45 -2.01
CA ARG A 41 6.16 8.38 -2.44
C ARG A 41 7.40 8.24 -1.57
N LYS A 42 7.20 7.87 -0.31
CA LYS A 42 8.30 7.70 0.62
C LYS A 42 9.33 6.69 0.09
N MET A 43 8.85 5.74 -0.72
CA MET A 43 9.71 4.73 -1.29
C MET A 43 10.54 5.30 -2.43
N ASN A 44 9.86 5.93 -3.39
CA ASN A 44 10.53 6.52 -4.54
C ASN A 44 11.67 7.43 -4.09
N LYS A 45 11.46 8.13 -2.99
CA LYS A 45 12.48 9.04 -2.45
C LYS A 45 13.39 8.31 -1.47
N ARG A 46 14.68 8.63 -1.52
CA ARG A 46 15.65 8.01 -0.63
C ARG A 46 16.59 9.06 -0.03
N LEU A 47 16.49 9.25 1.28
CA LEU A 47 17.33 10.22 1.98
C LEU A 47 18.60 9.56 2.51
N VAL A 48 18.50 8.27 2.82
CA VAL A 48 19.64 7.52 3.35
C VAL A 48 19.31 6.03 3.45
N GLY A 1 23.29 7.56 -10.89
CA GLY A 1 21.96 7.72 -10.31
C GLY A 1 20.86 7.39 -11.30
N ALA A 2 19.82 6.70 -10.82
CA ALA A 2 18.70 6.33 -11.67
C ALA A 2 17.37 6.57 -10.97
N MET A 3 16.28 6.34 -11.68
CA MET A 3 14.94 6.53 -11.12
C MET A 3 14.25 5.20 -10.88
N ALA A 4 13.15 5.23 -10.13
CA ALA A 4 12.40 4.02 -9.82
C ALA A 4 10.95 4.35 -9.48
N HIS A 5 10.08 3.36 -9.65
CA HIS A 5 8.65 3.56 -9.37
C HIS A 5 7.89 2.24 -9.51
N SER A 6 7.07 1.92 -8.52
CA SER A 6 6.29 0.69 -8.53
C SER A 6 4.85 0.96 -8.08
N LYS A 7 3.93 0.14 -8.59
CA LYS A 7 2.52 0.28 -8.24
C LYS A 7 2.12 -0.72 -7.15
N TYR A 8 2.91 -1.78 -7.01
CA TYR A 8 2.63 -2.79 -6.00
C TYR A 8 2.46 -2.17 -4.62
N LYS A 9 3.32 -1.20 -4.31
CA LYS A 9 3.26 -0.52 -3.02
C LYS A 9 2.09 0.46 -2.98
N THR A 10 1.64 0.89 -4.15
CA THR A 10 0.54 1.83 -4.26
C THR A 10 -0.78 1.12 -4.48
N TYR A 11 -0.86 -0.12 -4.00
CA TYR A 11 -2.07 -0.92 -4.14
C TYR A 11 -3.18 -0.40 -3.23
N MET A 12 -4.42 -0.74 -3.56
CA MET A 12 -5.57 -0.30 -2.77
C MET A 12 -6.66 -1.37 -2.77
N CYS A 13 -7.23 -1.63 -1.59
CA CYS A 13 -8.27 -2.64 -1.45
C CYS A 13 -9.58 -1.98 -1.00
N ARG A 14 -10.45 -1.67 -1.95
CA ARG A 14 -11.73 -1.06 -1.65
C ARG A 14 -12.58 -1.97 -0.77
N ASP A 15 -12.24 -3.25 -0.75
CA ASP A 15 -12.98 -4.23 0.04
C ASP A 15 -13.11 -3.76 1.48
N MET A 16 -12.13 -3.00 1.96
CA MET A 16 -12.13 -2.49 3.31
C MET A 16 -13.41 -1.68 3.59
N LYS A 17 -13.95 -1.07 2.55
CA LYS A 17 -15.17 -0.28 2.67
C LYS A 17 -16.27 -1.08 3.36
N GLN A 18 -16.36 -2.37 3.02
CA GLN A 18 -17.38 -3.25 3.60
C GLN A 18 -16.72 -4.43 4.32
N ARG A 19 -17.55 -5.26 4.93
CA ARG A 19 -17.05 -6.44 5.65
C ARG A 19 -16.53 -7.48 4.67
N GLY A 20 -15.21 -7.66 4.66
CA GLY A 20 -14.60 -8.63 3.77
C GLY A 20 -13.74 -9.64 4.51
N GLY A 21 -12.52 -9.84 4.03
CA GLY A 21 -11.62 -10.78 4.67
C GLY A 21 -10.52 -11.24 3.74
N CYS A 22 -9.54 -10.37 3.51
CA CYS A 22 -8.42 -10.69 2.65
C CYS A 22 -7.11 -10.14 3.22
N PRO A 23 -5.99 -10.77 2.85
CA PRO A 23 -4.66 -10.37 3.32
C PRO A 23 -4.21 -9.05 2.70
N ARG A 24 -3.87 -8.09 3.56
CA ARG A 24 -3.43 -6.79 3.09
C ARG A 24 -2.03 -6.85 2.52
N GLY A 25 -1.09 -7.41 3.30
CA GLY A 25 0.27 -7.53 2.85
C GLY A 25 0.40 -8.37 1.60
N ALA A 26 -0.53 -9.30 1.40
CA ALA A 26 -0.52 -10.17 0.24
C ALA A 26 -0.36 -9.37 -1.05
N SER A 27 -1.44 -8.72 -1.48
CA SER A 27 -1.41 -7.92 -2.70
C SER A 27 -1.73 -6.46 -2.40
N CYS A 28 -2.39 -6.23 -1.28
CA CYS A 28 -2.76 -4.88 -0.87
C CYS A 28 -1.56 -4.16 -0.24
N THR A 29 -0.41 -4.81 -0.26
CA THR A 29 0.80 -4.23 0.32
C THR A 29 0.49 -3.42 1.57
N PHE A 30 -0.35 -3.98 2.44
CA PHE A 30 -0.73 -3.30 3.67
C PHE A 30 -1.21 -1.89 3.40
N ALA A 31 -2.28 -1.77 2.61
CA ALA A 31 -2.85 -0.48 2.26
C ALA A 31 -4.33 -0.60 1.93
N HIS A 32 -5.12 -0.95 2.93
CA HIS A 32 -6.56 -1.11 2.74
C HIS A 32 -7.27 0.24 2.85
N SER A 33 -6.57 1.22 3.41
CA SER A 33 -7.13 2.56 3.58
C SER A 33 -6.22 3.61 2.94
N GLN A 34 -6.78 4.80 2.72
CA GLN A 34 -6.02 5.90 2.12
C GLN A 34 -4.86 6.32 3.01
N GLU A 35 -5.12 6.39 4.31
CA GLU A 35 -4.10 6.78 5.28
C GLU A 35 -2.92 5.81 5.26
N GLU A 36 -3.22 4.54 4.99
CA GLU A 36 -2.19 3.51 4.95
C GLU A 36 -1.35 3.64 3.69
N LEU A 37 -1.97 4.13 2.62
CA LEU A 37 -1.28 4.31 1.35
C LEU A 37 -0.02 5.16 1.53
N GLU A 38 -0.02 6.00 2.55
CA GLU A 38 1.12 6.86 2.83
C GLU A 38 2.41 6.04 2.95
N LYS A 39 2.25 4.78 3.34
CA LYS A 39 3.39 3.88 3.49
C LYS A 39 4.17 3.75 2.17
N PHE A 40 3.52 4.10 1.08
CA PHE A 40 4.14 4.03 -0.25
C PHE A 40 5.47 4.77 -0.25
N ARG A 41 5.59 5.77 0.61
CA ARG A 41 6.82 6.56 0.70
C ARG A 41 8.03 5.67 0.91
N LYS A 42 7.81 4.52 1.55
CA LYS A 42 8.88 3.57 1.80
C LYS A 42 9.51 3.09 0.50
N MET A 43 8.69 2.92 -0.53
CA MET A 43 9.16 2.47 -1.83
C MET A 43 9.72 3.63 -2.64
N ASN A 44 8.92 4.70 -2.77
CA ASN A 44 9.33 5.87 -3.52
C ASN A 44 10.64 6.44 -2.99
N LYS A 45 10.82 6.35 -1.67
CA LYS A 45 12.04 6.85 -1.04
C LYS A 45 12.70 5.75 -0.22
N ARG A 46 13.24 4.74 -0.91
CA ARG A 46 13.91 3.64 -0.25
C ARG A 46 15.30 4.04 0.21
N LEU A 47 15.36 4.95 1.18
CA LEU A 47 16.64 5.42 1.71
C LEU A 47 17.23 4.42 2.69
N VAL A 48 18.48 4.64 3.08
CA VAL A 48 19.15 3.75 4.02
C VAL A 48 19.03 4.26 5.46
N GLY A 1 8.18 -9.76 -13.68
CA GLY A 1 7.27 -9.55 -12.57
C GLY A 1 7.28 -8.12 -12.06
N ALA A 2 7.65 -7.95 -10.80
CA ALA A 2 7.71 -6.63 -10.19
C ALA A 2 8.78 -5.77 -10.85
N MET A 3 8.36 -4.62 -11.37
CA MET A 3 9.29 -3.71 -12.03
C MET A 3 10.09 -2.91 -11.01
N ALA A 4 9.48 -2.66 -9.85
CA ALA A 4 10.14 -1.91 -8.79
C ALA A 4 10.02 -2.63 -7.45
N HIS A 5 10.87 -2.26 -6.51
CA HIS A 5 10.87 -2.88 -5.18
C HIS A 5 9.79 -2.26 -4.30
N SER A 6 9.47 -2.93 -3.19
CA SER A 6 8.45 -2.45 -2.28
C SER A 6 7.08 -2.39 -2.95
N LYS A 7 6.76 -3.44 -3.69
CA LYS A 7 5.49 -3.52 -4.39
C LYS A 7 4.36 -3.89 -3.43
N TYR A 8 4.70 -4.56 -2.35
CA TYR A 8 3.73 -4.97 -1.36
C TYR A 8 2.94 -3.77 -0.85
N LYS A 9 3.63 -2.66 -0.64
CA LYS A 9 2.99 -1.44 -0.14
C LYS A 9 1.99 -0.91 -1.16
N THR A 10 2.09 -1.38 -2.40
CA THR A 10 1.19 -0.96 -3.46
C THR A 10 -0.19 -1.57 -3.29
N TYR A 11 -0.26 -2.66 -2.52
CA TYR A 11 -1.53 -3.34 -2.28
C TYR A 11 -2.55 -2.38 -1.69
N MET A 12 -3.81 -2.57 -2.08
CA MET A 12 -4.89 -1.72 -1.57
C MET A 12 -6.11 -2.56 -1.22
N CYS A 13 -6.82 -2.15 -0.17
CA CYS A 13 -8.01 -2.87 0.28
C CYS A 13 -9.27 -2.21 -0.27
N ARG A 14 -9.77 -2.76 -1.38
CA ARG A 14 -10.97 -2.22 -2.01
C ARG A 14 -12.20 -2.47 -1.13
N ASP A 15 -12.11 -3.47 -0.26
CA ASP A 15 -13.21 -3.82 0.63
C ASP A 15 -13.56 -2.63 1.53
N MET A 16 -12.62 -1.71 1.68
CA MET A 16 -12.85 -0.53 2.51
C MET A 16 -14.08 0.24 2.05
N LYS A 17 -14.43 0.09 0.78
CA LYS A 17 -15.59 0.76 0.22
C LYS A 17 -16.83 0.52 1.07
N GLN A 18 -16.89 -0.65 1.70
CA GLN A 18 -18.02 -1.01 2.55
C GLN A 18 -17.54 -1.44 3.93
N ARG A 19 -18.47 -1.94 4.75
CA ARG A 19 -18.15 -2.38 6.09
C ARG A 19 -17.36 -3.68 6.06
N GLY A 20 -16.46 -3.85 7.02
CA GLY A 20 -15.66 -5.05 7.08
C GLY A 20 -14.45 -4.89 7.99
N GLY A 21 -14.04 -5.98 8.63
CA GLY A 21 -12.90 -5.94 9.53
C GLY A 21 -11.74 -6.80 9.04
N CYS A 22 -10.62 -6.16 8.73
CA CYS A 22 -9.44 -6.88 8.25
C CYS A 22 -8.16 -6.15 8.65
N PRO A 23 -7.07 -6.92 8.82
CA PRO A 23 -5.76 -6.37 9.20
C PRO A 23 -5.14 -5.54 8.08
N ARG A 24 -4.82 -4.29 8.40
CA ARG A 24 -4.21 -3.39 7.42
C ARG A 24 -2.75 -3.77 7.16
N GLY A 25 -1.98 -3.88 8.23
CA GLY A 25 -0.58 -4.24 8.10
C GLY A 25 -0.39 -5.59 7.45
N ALA A 26 -1.38 -6.46 7.60
CA ALA A 26 -1.31 -7.80 7.02
C ALA A 26 -0.92 -7.75 5.55
N SER A 27 -1.88 -7.36 4.70
CA SER A 27 -1.63 -7.27 3.26
C SER A 27 -1.85 -5.85 2.76
N CYS A 28 -2.75 -5.13 3.42
CA CYS A 28 -3.05 -3.75 3.05
C CYS A 28 -1.85 -2.84 3.30
N THR A 29 -0.83 -3.38 3.96
CA THR A 29 0.37 -2.62 4.27
C THR A 29 0.02 -1.27 4.89
N PHE A 30 -0.86 -1.29 5.88
CA PHE A 30 -1.27 -0.06 6.55
C PHE A 30 -1.78 0.97 5.54
N ALA A 31 -2.39 0.49 4.48
CA ALA A 31 -2.92 1.37 3.44
C ALA A 31 -4.26 0.86 2.91
N HIS A 32 -5.35 1.41 3.44
CA HIS A 32 -6.68 1.00 3.01
C HIS A 32 -7.24 1.97 1.97
N SER A 33 -6.78 3.21 2.02
CA SER A 33 -7.23 4.24 1.10
C SER A 33 -6.06 4.84 0.32
N GLN A 34 -6.36 5.50 -0.79
CA GLN A 34 -5.34 6.13 -1.61
C GLN A 34 -4.46 7.06 -0.79
N GLU A 35 -5.08 7.76 0.15
CA GLU A 35 -4.36 8.69 1.01
C GLU A 35 -3.22 7.99 1.75
N GLU A 36 -3.52 6.82 2.30
CA GLU A 36 -2.52 6.05 3.02
C GLU A 36 -1.51 5.42 2.07
N LEU A 37 -1.96 5.12 0.86
CA LEU A 37 -1.08 4.52 -0.15
C LEU A 37 -0.05 5.53 -0.65
N GLU A 38 -0.44 6.80 -0.67
CA GLU A 38 0.44 7.86 -1.13
C GLU A 38 1.76 7.83 -0.36
N LYS A 39 1.73 7.29 0.85
CA LYS A 39 2.93 7.20 1.67
C LYS A 39 4.08 6.57 0.90
N PHE A 40 3.75 5.71 -0.05
CA PHE A 40 4.76 5.04 -0.87
C PHE A 40 5.71 6.05 -1.49
N ARG A 41 5.22 7.28 -1.67
CA ARG A 41 6.02 8.33 -2.27
C ARG A 41 7.34 8.51 -1.51
N LYS A 42 7.32 8.18 -0.22
CA LYS A 42 8.51 8.29 0.62
C LYS A 42 9.65 7.46 0.06
N MET A 43 9.30 6.41 -0.69
CA MET A 43 10.30 5.53 -1.28
C MET A 43 11.30 6.33 -2.11
N ASN A 44 10.83 7.41 -2.71
CA ASN A 44 11.69 8.26 -3.54
C ASN A 44 12.78 8.92 -2.70
N LYS A 45 12.37 9.53 -1.59
CA LYS A 45 13.31 10.20 -0.70
C LYS A 45 14.09 9.18 0.14
N ARG A 46 15.38 9.06 -0.12
CA ARG A 46 16.22 8.12 0.61
C ARG A 46 17.19 8.86 1.52
N LEU A 47 16.64 9.46 2.58
CA LEU A 47 17.45 10.21 3.54
C LEU A 47 18.62 9.36 4.04
N VAL A 48 18.31 8.18 4.57
CA VAL A 48 19.34 7.27 5.08
C VAL A 48 19.48 6.04 4.18
N GLY A 1 17.09 -8.09 -4.98
CA GLY A 1 15.78 -8.53 -5.40
C GLY A 1 15.17 -7.63 -6.45
N ALA A 2 15.37 -6.32 -6.30
CA ALA A 2 14.84 -5.35 -7.24
C ALA A 2 15.36 -3.94 -6.94
N MET A 3 15.16 -3.03 -7.89
CA MET A 3 15.62 -1.66 -7.72
C MET A 3 14.47 -0.68 -7.96
N ALA A 4 13.56 -0.58 -6.99
CA ALA A 4 12.42 0.32 -7.10
C ALA A 4 11.58 -0.01 -8.32
N HIS A 5 11.35 -1.30 -8.56
CA HIS A 5 10.56 -1.75 -9.70
C HIS A 5 9.27 -2.40 -9.24
N SER A 6 8.55 -1.72 -8.35
CA SER A 6 7.29 -2.24 -7.83
C SER A 6 6.51 -1.14 -7.11
N LYS A 7 5.18 -1.19 -7.23
CA LYS A 7 4.32 -0.20 -6.61
C LYS A 7 3.27 -0.88 -5.72
N TYR A 8 3.66 -1.97 -5.07
CA TYR A 8 2.76 -2.71 -4.20
C TYR A 8 2.17 -1.80 -3.14
N LYS A 9 3.00 -0.94 -2.57
CA LYS A 9 2.57 -0.01 -1.52
C LYS A 9 1.59 1.01 -2.10
N THR A 10 1.54 1.11 -3.42
CA THR A 10 0.66 2.05 -4.09
C THR A 10 -0.65 1.39 -4.48
N TYR A 11 -1.03 0.35 -3.75
CA TYR A 11 -2.27 -0.37 -4.02
C TYR A 11 -3.44 0.21 -3.23
N MET A 12 -4.66 -0.09 -3.67
CA MET A 12 -5.86 0.40 -3.01
C MET A 12 -6.94 -0.67 -2.98
N CYS A 13 -7.77 -0.64 -1.94
CA CYS A 13 -8.85 -1.61 -1.79
C CYS A 13 -10.20 -0.95 -2.03
N ARG A 14 -10.61 -0.89 -3.29
CA ARG A 14 -11.88 -0.28 -3.65
C ARG A 14 -13.05 -1.15 -3.17
N ASP A 15 -12.78 -2.41 -2.92
CA ASP A 15 -13.80 -3.35 -2.45
C ASP A 15 -14.39 -2.88 -1.13
N MET A 16 -13.65 -2.03 -0.43
CA MET A 16 -14.10 -1.50 0.86
C MET A 16 -15.47 -0.82 0.72
N LYS A 17 -15.77 -0.36 -0.49
CA LYS A 17 -17.04 0.32 -0.75
C LYS A 17 -18.21 -0.54 -0.27
N GLN A 18 -18.06 -1.85 -0.36
CA GLN A 18 -19.11 -2.78 0.06
C GLN A 18 -18.63 -3.63 1.23
N ARG A 19 -19.58 -4.19 1.96
CA ARG A 19 -19.26 -5.04 3.11
C ARG A 19 -18.33 -6.18 2.70
N GLY A 20 -17.57 -6.68 3.67
CA GLY A 20 -16.66 -7.77 3.39
C GLY A 20 -15.28 -7.54 4.01
N GLY A 21 -14.84 -8.50 4.83
CA GLY A 21 -13.55 -8.37 5.48
C GLY A 21 -12.42 -8.94 4.63
N CYS A 22 -11.32 -8.19 4.54
CA CYS A 22 -10.17 -8.63 3.74
C CYS A 22 -8.87 -8.20 4.42
N PRO A 23 -7.81 -8.97 4.16
CA PRO A 23 -6.48 -8.71 4.73
C PRO A 23 -5.84 -7.45 4.15
N ARG A 24 -5.48 -6.52 5.01
CA ARG A 24 -4.86 -5.27 4.58
C ARG A 24 -3.42 -5.50 4.14
N GLY A 25 -2.63 -6.14 5.01
CA GLY A 25 -1.25 -6.41 4.69
C GLY A 25 -1.10 -7.28 3.46
N ALA A 26 -2.11 -8.09 3.19
CA ALA A 26 -2.08 -8.99 2.04
C ALA A 26 -1.70 -8.24 0.77
N SER A 27 -2.64 -7.49 0.22
CA SER A 27 -2.40 -6.72 -1.00
C SER A 27 -2.61 -5.23 -0.75
N CYS A 28 -3.56 -4.90 0.13
CA CYS A 28 -3.86 -3.52 0.45
C CYS A 28 -2.63 -2.82 1.02
N THR A 29 -1.65 -3.60 1.44
CA THR A 29 -0.42 -3.07 2.01
C THR A 29 -0.72 -2.05 3.10
N PHE A 30 -1.68 -2.38 3.95
CA PHE A 30 -2.07 -1.50 5.05
C PHE A 30 -2.55 -0.15 4.52
N ALA A 31 -3.20 -0.18 3.37
CA ALA A 31 -3.72 1.04 2.74
C ALA A 31 -5.04 0.79 2.03
N HIS A 32 -6.15 1.01 2.74
CA HIS A 32 -7.47 0.81 2.18
C HIS A 32 -8.01 2.08 1.57
N SER A 33 -7.53 3.22 2.06
CA SER A 33 -7.96 4.53 1.56
C SER A 33 -6.77 5.31 1.01
N GLN A 34 -7.06 6.22 0.07
CA GLN A 34 -6.02 7.05 -0.52
C GLN A 34 -5.18 7.74 0.54
N GLU A 35 -5.81 8.09 1.65
CA GLU A 35 -5.11 8.76 2.74
C GLU A 35 -3.94 7.91 3.24
N GLU A 36 -4.15 6.60 3.28
CA GLU A 36 -3.10 5.69 3.74
C GLU A 36 -2.01 5.55 2.69
N LEU A 37 -2.39 5.69 1.42
CA LEU A 37 -1.43 5.58 0.32
C LEU A 37 -0.26 6.53 0.52
N GLU A 38 -0.51 7.64 1.22
CA GLU A 38 0.53 8.62 1.49
C GLU A 38 1.75 7.98 2.13
N LYS A 39 1.53 6.85 2.82
CA LYS A 39 2.61 6.13 3.48
C LYS A 39 3.77 5.90 2.51
N PHE A 40 3.45 5.76 1.24
CA PHE A 40 4.47 5.54 0.22
C PHE A 40 5.58 6.58 0.31
N ARG A 41 5.23 7.75 0.82
CA ARG A 41 6.20 8.84 0.96
C ARG A 41 7.41 8.38 1.76
N LYS A 42 7.18 7.50 2.73
CA LYS A 42 8.26 6.98 3.57
C LYS A 42 9.31 6.28 2.72
N MET A 43 8.91 5.82 1.54
CA MET A 43 9.82 5.13 0.63
C MET A 43 11.05 5.99 0.33
N ASN A 44 10.89 7.30 0.46
CA ASN A 44 11.99 8.23 0.21
C ASN A 44 13.24 7.82 0.99
N LYS A 45 13.03 7.21 2.14
CA LYS A 45 14.14 6.77 2.99
C LYS A 45 14.28 5.25 2.94
N ARG A 46 14.94 4.75 1.90
CA ARG A 46 15.14 3.31 1.75
C ARG A 46 15.80 2.72 3.00
N LEU A 47 15.01 1.99 3.79
CA LEU A 47 15.51 1.37 5.00
C LEU A 47 15.09 -0.09 5.08
N VAL A 48 15.12 -0.77 3.93
CA VAL A 48 14.75 -2.18 3.88
C VAL A 48 15.66 -3.03 4.74
N GLY A 1 16.61 7.19 -9.71
CA GLY A 1 16.84 7.25 -8.28
C GLY A 1 15.94 6.31 -7.51
N ALA A 2 16.24 5.02 -7.57
CA ALA A 2 15.45 4.02 -6.87
C ALA A 2 13.98 4.13 -7.23
N MET A 3 13.68 4.10 -8.52
CA MET A 3 12.31 4.21 -9.00
C MET A 3 11.87 2.91 -9.69
N ALA A 4 11.09 2.10 -8.97
CA ALA A 4 10.61 0.84 -9.50
C ALA A 4 9.41 1.05 -10.42
N HIS A 5 8.99 0.00 -11.10
CA HIS A 5 7.86 0.07 -12.01
C HIS A 5 6.78 -0.93 -11.61
N SER A 6 6.67 -1.21 -10.32
CA SER A 6 5.69 -2.15 -9.81
C SER A 6 4.62 -1.42 -9.00
N LYS A 7 3.44 -2.02 -8.92
CA LYS A 7 2.33 -1.44 -8.18
C LYS A 7 2.01 -2.26 -6.93
N TYR A 8 3.03 -2.48 -6.11
CA TYR A 8 2.87 -3.25 -4.88
C TYR A 8 2.18 -2.43 -3.81
N LYS A 9 2.80 -1.31 -3.43
CA LYS A 9 2.25 -0.43 -2.41
C LYS A 9 0.95 0.21 -2.90
N THR A 10 0.74 0.17 -4.20
CA THR A 10 -0.46 0.75 -4.80
C THR A 10 -1.68 -0.10 -4.51
N TYR A 11 -1.45 -1.35 -4.14
CA TYR A 11 -2.54 -2.28 -3.84
C TYR A 11 -3.46 -1.71 -2.76
N MET A 12 -4.77 -1.75 -3.02
CA MET A 12 -5.75 -1.24 -2.08
C MET A 12 -6.76 -2.32 -1.70
N CYS A 13 -7.27 -2.25 -0.48
CA CYS A 13 -8.25 -3.22 -0.01
C CYS A 13 -9.64 -2.59 0.08
N ARG A 14 -10.44 -2.81 -0.95
CA ARG A 14 -11.79 -2.27 -1.00
C ARG A 14 -12.69 -2.96 0.01
N ASP A 15 -12.32 -4.19 0.38
CA ASP A 15 -13.09 -4.96 1.34
C ASP A 15 -13.24 -4.21 2.65
N MET A 16 -12.30 -3.30 2.92
CA MET A 16 -12.32 -2.51 4.14
C MET A 16 -13.64 -1.76 4.29
N LYS A 17 -14.30 -1.50 3.16
CA LYS A 17 -15.57 -0.79 3.16
C LYS A 17 -16.56 -1.45 4.12
N GLN A 18 -16.44 -2.76 4.28
CA GLN A 18 -17.32 -3.50 5.18
C GLN A 18 -16.51 -4.25 6.24
N ARG A 19 -17.21 -5.02 7.07
CA ARG A 19 -16.56 -5.78 8.13
C ARG A 19 -15.83 -7.00 7.57
N GLY A 20 -14.70 -7.34 8.17
CA GLY A 20 -13.93 -8.48 7.71
C GLY A 20 -12.45 -8.34 8.03
N GLY A 21 -11.81 -9.46 8.37
CA GLY A 21 -10.40 -9.44 8.69
C GLY A 21 -9.55 -10.08 7.61
N CYS A 22 -8.54 -9.34 7.15
CA CYS A 22 -7.65 -9.85 6.11
C CYS A 22 -6.22 -9.34 6.33
N PRO A 23 -5.24 -10.11 5.83
CA PRO A 23 -3.83 -9.77 5.95
C PRO A 23 -3.45 -8.56 5.11
N ARG A 24 -2.89 -7.54 5.76
CA ARG A 24 -2.47 -6.33 5.07
C ARG A 24 -1.21 -6.57 4.24
N GLY A 25 -0.19 -7.11 4.88
CA GLY A 25 1.06 -7.39 4.18
C GLY A 25 0.88 -8.36 3.04
N ALA A 26 -0.13 -9.22 3.14
CA ALA A 26 -0.42 -10.21 2.11
C ALA A 26 -0.45 -9.56 0.72
N SER A 27 -1.56 -8.87 0.43
CA SER A 27 -1.73 -8.22 -0.86
C SER A 27 -1.92 -6.71 -0.67
N CYS A 28 -2.62 -6.34 0.39
CA CYS A 28 -2.88 -4.93 0.69
C CYS A 28 -1.57 -4.15 0.77
N THR A 29 -0.46 -4.86 0.98
CA THR A 29 0.84 -4.23 1.08
C THR A 29 0.81 -3.05 2.05
N PHE A 30 0.31 -3.28 3.25
CA PHE A 30 0.22 -2.23 4.26
C PHE A 30 -0.53 -1.02 3.72
N ALA A 31 -1.60 -1.28 2.98
CA ALA A 31 -2.42 -0.22 2.41
C ALA A 31 -3.88 -0.62 2.32
N HIS A 32 -4.67 -0.16 3.28
CA HIS A 32 -6.10 -0.48 3.31
C HIS A 32 -6.93 0.75 2.96
N SER A 33 -6.34 1.93 3.12
CA SER A 33 -7.04 3.18 2.84
C SER A 33 -6.15 4.12 2.03
N GLN A 34 -6.77 5.08 1.35
CA GLN A 34 -6.03 6.04 0.54
C GLN A 34 -4.93 6.70 1.36
N GLU A 35 -5.19 6.90 2.64
CA GLU A 35 -4.21 7.52 3.53
C GLU A 35 -2.92 6.71 3.59
N GLU A 36 -3.07 5.39 3.60
CA GLU A 36 -1.92 4.50 3.65
C GLU A 36 -1.18 4.48 2.32
N LEU A 37 -1.92 4.67 1.24
CA LEU A 37 -1.34 4.68 -0.10
C LEU A 37 -0.47 5.92 -0.31
N GLU A 38 -0.73 6.96 0.48
CA GLU A 38 0.03 8.20 0.38
C GLU A 38 1.43 8.03 0.98
N LYS A 39 1.55 7.11 1.92
CA LYS A 39 2.83 6.84 2.58
C LYS A 39 3.74 6.02 1.67
N PHE A 40 3.23 5.65 0.50
CA PHE A 40 4.00 4.87 -0.45
C PHE A 40 5.35 5.52 -0.73
N ARG A 41 5.39 6.85 -0.61
CA ARG A 41 6.62 7.60 -0.85
C ARG A 41 7.77 7.02 -0.04
N LYS A 42 7.47 6.48 1.13
CA LYS A 42 8.48 5.89 1.99
C LYS A 42 9.33 4.87 1.23
N MET A 43 8.72 4.21 0.25
CA MET A 43 9.41 3.22 -0.55
C MET A 43 10.35 3.89 -1.55
N ASN A 44 9.91 5.03 -2.09
CA ASN A 44 10.70 5.76 -3.06
C ASN A 44 12.09 6.07 -2.51
N LYS A 45 12.16 6.26 -1.19
CA LYS A 45 13.43 6.57 -0.54
C LYS A 45 13.79 5.50 0.49
N ARG A 46 14.79 4.69 0.16
CA ARG A 46 15.22 3.62 1.06
C ARG A 46 15.55 4.17 2.44
N LEU A 47 15.94 5.44 2.49
CA LEU A 47 16.29 6.09 3.74
C LEU A 47 15.12 6.06 4.72
N VAL A 48 15.33 5.43 5.87
CA VAL A 48 14.30 5.33 6.89
C VAL A 48 14.43 6.45 7.92
N GLY A 1 12.23 7.76 -17.66
CA GLY A 1 12.31 7.09 -16.39
C GLY A 1 11.09 7.36 -15.52
N ALA A 2 10.35 6.30 -15.19
CA ALA A 2 9.15 6.43 -14.36
C ALA A 2 9.52 6.78 -12.94
N MET A 3 8.56 7.34 -12.20
CA MET A 3 8.79 7.72 -10.81
C MET A 3 9.11 6.50 -9.96
N ALA A 4 8.17 5.58 -9.86
CA ALA A 4 8.36 4.36 -9.08
C ALA A 4 8.88 3.22 -9.94
N HIS A 5 9.52 2.25 -9.30
CA HIS A 5 10.08 1.11 -10.01
C HIS A 5 9.00 0.07 -10.31
N SER A 6 8.33 -0.40 -9.27
CA SER A 6 7.27 -1.39 -9.42
C SER A 6 5.92 -0.81 -9.04
N LYS A 7 4.85 -1.51 -9.38
CA LYS A 7 3.50 -1.07 -9.08
C LYS A 7 2.85 -1.98 -8.04
N TYR A 8 3.68 -2.61 -7.22
CA TYR A 8 3.19 -3.51 -6.18
C TYR A 8 2.65 -2.73 -4.99
N LYS A 9 3.46 -1.79 -4.49
CA LYS A 9 3.07 -0.97 -3.35
C LYS A 9 1.90 -0.07 -3.71
N THR A 10 1.63 0.06 -5.01
CA THR A 10 0.53 0.89 -5.48
C THR A 10 -0.82 0.21 -5.26
N TYR A 11 -0.77 -1.09 -4.99
CA TYR A 11 -1.98 -1.87 -4.77
C TYR A 11 -2.81 -1.27 -3.64
N MET A 12 -4.13 -1.40 -3.75
CA MET A 12 -5.04 -0.86 -2.74
C MET A 12 -6.30 -1.71 -2.63
N CYS A 13 -6.88 -1.77 -1.43
CA CYS A 13 -8.08 -2.54 -1.20
C CYS A 13 -9.32 -1.64 -1.25
N ARG A 14 -9.86 -1.46 -2.45
CA ARG A 14 -11.05 -0.63 -2.63
C ARG A 14 -12.28 -1.29 -2.01
N ASP A 15 -12.22 -2.61 -1.89
CA ASP A 15 -13.33 -3.37 -1.31
C ASP A 15 -13.54 -3.01 0.16
N MET A 16 -12.54 -2.35 0.74
CA MET A 16 -12.61 -1.95 2.14
C MET A 16 -13.84 -1.10 2.40
N LYS A 17 -14.33 -0.44 1.36
CA LYS A 17 -15.52 0.41 1.48
C LYS A 17 -16.66 -0.35 2.14
N GLN A 18 -16.70 -1.66 1.92
CA GLN A 18 -17.75 -2.49 2.51
C GLN A 18 -17.21 -3.31 3.67
N ARG A 19 -18.06 -4.17 4.23
CA ARG A 19 -17.67 -5.02 5.35
C ARG A 19 -16.96 -6.26 4.87
N GLY A 20 -15.98 -6.73 5.66
CA GLY A 20 -15.24 -7.91 5.29
C GLY A 20 -13.77 -7.81 5.67
N GLY A 21 -13.22 -8.90 6.17
CA GLY A 21 -11.82 -8.92 6.57
C GLY A 21 -10.93 -9.58 5.53
N CYS A 22 -9.72 -9.04 5.36
CA CYS A 22 -8.77 -9.58 4.40
C CYS A 22 -7.35 -9.12 4.72
N PRO A 23 -6.36 -9.93 4.30
CA PRO A 23 -4.95 -9.62 4.52
C PRO A 23 -4.47 -8.44 3.68
N ARG A 24 -3.92 -7.43 4.36
CA ARG A 24 -3.42 -6.24 3.68
C ARG A 24 -2.13 -6.55 2.93
N GLY A 25 -1.16 -7.11 3.65
CA GLY A 25 0.12 -7.43 3.04
C GLY A 25 -0.02 -8.43 1.90
N ALA A 26 -1.06 -9.25 1.96
CA ALA A 26 -1.31 -10.24 0.92
C ALA A 26 -1.26 -9.62 -0.47
N SER A 27 -2.32 -8.90 -0.84
CA SER A 27 -2.40 -8.26 -2.14
C SER A 27 -2.53 -6.74 -1.99
N CYS A 28 -2.99 -6.31 -0.82
CA CYS A 28 -3.17 -4.89 -0.55
C CYS A 28 -1.83 -4.24 -0.18
N THR A 29 -0.76 -5.02 -0.26
CA THR A 29 0.57 -4.52 0.06
C THR A 29 0.52 -3.53 1.21
N PHE A 30 -0.21 -3.88 2.26
CA PHE A 30 -0.34 -3.03 3.43
C PHE A 30 -0.73 -1.61 3.02
N ALA A 31 -1.90 -1.48 2.40
CA ALA A 31 -2.39 -0.17 1.97
C ALA A 31 -3.90 -0.20 1.76
N HIS A 32 -4.64 -0.29 2.86
CA HIS A 32 -6.10 -0.32 2.80
C HIS A 32 -6.67 1.09 2.73
N SER A 33 -5.86 2.07 3.09
CA SER A 33 -6.28 3.47 3.07
C SER A 33 -5.49 4.26 2.05
N GLN A 34 -5.93 5.49 1.78
CA GLN A 34 -5.27 6.36 0.82
C GLN A 34 -3.91 6.81 1.33
N GLU A 35 -3.90 7.38 2.53
CA GLU A 35 -2.66 7.86 3.13
C GLU A 35 -1.65 6.72 3.28
N GLU A 36 -2.16 5.50 3.46
CA GLU A 36 -1.31 4.33 3.60
C GLU A 36 -0.44 4.13 2.37
N LEU A 37 -0.96 4.53 1.21
CA LEU A 37 -0.24 4.40 -0.05
C LEU A 37 0.95 5.37 -0.11
N GLU A 38 0.78 6.53 0.52
CA GLU A 38 1.83 7.54 0.54
C GLU A 38 3.13 6.96 1.07
N LYS A 39 3.03 5.92 1.90
CA LYS A 39 4.19 5.27 2.47
C LYS A 39 5.11 4.73 1.38
N PHE A 40 4.57 4.57 0.18
CA PHE A 40 5.35 4.07 -0.94
C PHE A 40 6.62 4.89 -1.13
N ARG A 41 6.58 6.15 -0.71
CA ARG A 41 7.73 7.03 -0.83
C ARG A 41 8.97 6.40 -0.20
N LYS A 42 8.75 5.56 0.80
CA LYS A 42 9.85 4.88 1.49
C LYS A 42 10.70 4.08 0.50
N MET A 43 10.09 3.68 -0.61
CA MET A 43 10.79 2.91 -1.63
C MET A 43 11.98 3.69 -2.18
N ASN A 44 11.84 5.01 -2.22
CA ASN A 44 12.91 5.88 -2.72
C ASN A 44 13.88 6.25 -1.61
N LYS A 45 13.36 6.89 -0.56
CA LYS A 45 14.19 7.29 0.57
C LYS A 45 13.97 6.36 1.76
N ARG A 46 15.07 5.78 2.24
CA ARG A 46 15.01 4.86 3.38
C ARG A 46 15.16 5.62 4.69
N LEU A 47 14.06 5.74 5.44
CA LEU A 47 14.08 6.45 6.72
C LEU A 47 14.80 5.63 7.78
N VAL A 48 14.80 4.31 7.60
CA VAL A 48 15.46 3.41 8.54
C VAL A 48 15.57 2.00 7.97
#